data_1S5Z
#
_entry.id   1S5Z
#
_cell.length_a   69.380
_cell.length_b   104.594
_cell.length_c   69.569
_cell.angle_alpha   90.00
_cell.angle_beta   118.28
_cell.angle_gamma   90.00
#
_symmetry.space_group_name_H-M   'P 1 21 1'
#
loop_
_entity.id
_entity.type
_entity.pdbx_description
1 polymer 'Nucleoside diphosphate kinase, cytosolic'
2 non-polymer 'ADENOSINE PHOSPHONOACETIC ACID'
3 non-polymer 'PHOSPHATE ION'
4 water water
#
_entity_poly.entity_id   1
_entity_poly.type   'polypeptide(L)'
_entity_poly.pdbx_seq_one_letter_code
;MSTNKVNKERTFLAVKPDGVARGLVGEIIARYEKKGFVLVGLKQLVPTKDLAESHYAEHKERPFFGGLVSFITSGPVVAM
VFEGKGVVASARLMIGVTNPLASAPGSIRGDFGVDVGRNIIHGSDSVESANREIALWFKPEELLTEVKPNPNLYE
;
_entity_poly.pdbx_strand_id   A,B,C,D,E,F
#
# COMPACT_ATOMS: atom_id res chain seq x y z
N VAL A 6 7.52 14.36 -28.04
CA VAL A 6 7.67 12.93 -28.38
C VAL A 6 7.68 12.08 -27.12
N ASN A 7 7.04 10.91 -27.21
CA ASN A 7 6.97 10.00 -26.08
C ASN A 7 8.23 9.15 -25.98
N LYS A 8 9.35 9.72 -26.44
CA LYS A 8 10.62 9.02 -26.41
C LYS A 8 11.63 9.73 -25.52
N GLU A 9 11.19 10.80 -24.86
CA GLU A 9 12.08 11.55 -23.98
C GLU A 9 12.55 10.65 -22.85
N ARG A 10 13.76 10.88 -22.36
CA ARG A 10 14.32 10.07 -21.28
C ARG A 10 14.98 10.90 -20.20
N THR A 11 14.97 10.39 -18.98
CA THR A 11 15.60 11.09 -17.87
C THR A 11 16.42 10.10 -17.07
N PHE A 12 17.45 10.60 -16.39
CA PHE A 12 18.30 9.75 -15.56
C PHE A 12 17.90 9.91 -14.11
N LEU A 13 17.62 8.79 -13.45
CA LEU A 13 17.24 8.80 -12.05
C LEU A 13 18.17 7.87 -11.29
N ALA A 14 18.47 8.22 -10.05
CA ALA A 14 19.35 7.38 -9.25
C ALA A 14 18.93 7.37 -7.79
N VAL A 15 18.79 6.17 -7.23
CA VAL A 15 18.44 6.05 -5.82
C VAL A 15 19.79 6.12 -5.13
N LYS A 16 20.00 7.19 -4.37
CA LYS A 16 21.27 7.42 -3.68
C LYS A 16 21.56 6.39 -2.59
N PRO A 17 22.80 6.37 -2.07
CA PRO A 17 23.20 5.43 -1.02
C PRO A 17 22.22 5.31 0.14
N ASP A 18 21.66 6.44 0.56
CA ASP A 18 20.70 6.42 1.66
C ASP A 18 19.43 5.72 1.23
N GLY A 19 18.94 6.05 0.04
CA GLY A 19 17.73 5.43 -0.47
C GLY A 19 17.89 3.93 -0.59
N VAL A 20 19.08 3.49 -1.01
CA VAL A 20 19.33 2.07 -1.15
C VAL A 20 19.47 1.41 0.22
N ALA A 21 20.16 2.07 1.14
CA ALA A 21 20.36 1.52 2.48
C ALA A 21 19.04 1.41 3.26
N ARG A 22 18.10 2.30 2.99
CA ARG A 22 16.82 2.29 3.70
C ARG A 22 15.75 1.39 3.06
N GLY A 23 16.14 0.68 2.00
CA GLY A 23 15.22 -0.21 1.31
C GLY A 23 14.09 0.45 0.54
N LEU A 24 14.42 1.51 -0.20
CA LEU A 24 13.41 2.23 -0.96
C LEU A 24 13.52 2.07 -2.47
N VAL A 25 14.39 1.16 -2.92
CA VAL A 25 14.57 0.94 -4.36
C VAL A 25 13.26 0.50 -5.04
N GLY A 26 12.65 -0.56 -4.52
CA GLY A 26 11.42 -1.06 -5.11
C GLY A 26 10.28 -0.06 -5.07
N GLU A 27 10.16 0.65 -3.96
CA GLU A 27 9.13 1.67 -3.77
C GLU A 27 9.24 2.74 -4.86
N ILE A 28 10.46 3.19 -5.10
CA ILE A 28 10.71 4.22 -6.11
C ILE A 28 10.46 3.73 -7.52
N ILE A 29 11.04 2.59 -7.88
CA ILE A 29 10.84 2.03 -9.23
C ILE A 29 9.34 1.82 -9.50
N ALA A 30 8.61 1.32 -8.50
CA ALA A 30 7.17 1.08 -8.66
C ALA A 30 6.41 2.36 -8.96
N ARG A 31 6.75 3.44 -8.27
CA ARG A 31 6.09 4.71 -8.50
C ARG A 31 6.19 5.12 -9.97
N TYR A 32 7.38 4.93 -10.54
CA TYR A 32 7.60 5.28 -11.93
C TYR A 32 6.93 4.33 -12.92
N GLU A 33 6.82 3.05 -12.55
CA GLU A 33 6.15 2.08 -13.42
C GLU A 33 4.65 2.36 -13.42
N LYS A 34 4.10 2.63 -12.23
CA LYS A 34 2.67 2.91 -12.08
C LYS A 34 2.28 4.16 -12.85
N LYS A 35 3.20 5.14 -12.87
CA LYS A 35 2.98 6.39 -13.56
C LYS A 35 2.78 6.16 -15.05
N GLY A 36 3.50 5.19 -15.59
CA GLY A 36 3.38 4.89 -17.01
C GLY A 36 4.68 5.10 -17.77
N PHE A 37 5.77 5.33 -17.05
CA PHE A 37 7.06 5.53 -17.70
C PHE A 37 7.74 4.17 -17.85
N VAL A 38 8.55 4.02 -18.89
CA VAL A 38 9.21 2.75 -19.14
C VAL A 38 10.68 2.73 -18.75
N LEU A 39 11.06 1.68 -18.04
CA LEU A 39 12.43 1.49 -17.60
C LEU A 39 13.25 1.03 -18.81
N VAL A 40 14.20 1.84 -19.25
CA VAL A 40 15.01 1.47 -20.40
C VAL A 40 16.48 1.25 -20.02
N GLY A 41 16.78 1.41 -18.73
CA GLY A 41 18.13 1.21 -18.24
C GLY A 41 18.08 1.00 -16.73
N LEU A 42 18.87 0.07 -16.22
CA LEU A 42 18.87 -0.20 -14.79
C LEU A 42 20.09 -1.00 -14.33
N LYS A 43 20.68 -0.59 -13.21
CA LYS A 43 21.83 -1.30 -12.67
C LYS A 43 22.30 -0.72 -11.35
N GLN A 44 22.81 -1.57 -10.47
CA GLN A 44 23.32 -1.10 -9.19
C GLN A 44 24.83 -1.08 -9.31
N LEU A 45 25.44 -0.06 -8.72
CA LEU A 45 26.88 0.09 -8.73
C LEU A 45 27.29 1.03 -7.61
N VAL A 46 28.56 1.01 -7.25
CA VAL A 46 29.09 1.89 -6.22
C VAL A 46 29.84 2.95 -7.02
N PRO A 47 29.27 4.16 -7.13
CA PRO A 47 29.89 5.25 -7.89
C PRO A 47 31.34 5.53 -7.53
N THR A 48 32.12 5.80 -8.56
CA THR A 48 33.53 6.12 -8.37
C THR A 48 33.63 7.63 -8.15
N LYS A 49 34.77 8.08 -7.66
CA LYS A 49 34.97 9.50 -7.41
C LYS A 49 34.86 10.33 -8.70
N ASP A 50 35.43 9.85 -9.79
CA ASP A 50 35.35 10.62 -11.03
C ASP A 50 33.92 10.70 -11.55
N LEU A 51 33.17 9.61 -11.45
CA LEU A 51 31.78 9.60 -11.90
C LEU A 51 30.97 10.58 -11.07
N ALA A 52 31.18 10.55 -9.76
CA ALA A 52 30.47 11.43 -8.85
C ALA A 52 30.72 12.89 -9.20
N GLU A 53 31.99 13.25 -9.37
CA GLU A 53 32.36 14.63 -9.69
C GLU A 53 31.87 15.09 -11.05
N SER A 54 31.85 14.18 -12.03
CA SER A 54 31.38 14.56 -13.36
C SER A 54 29.86 14.73 -13.32
N HIS A 55 29.20 13.83 -12.59
CA HIS A 55 27.74 13.89 -12.45
C HIS A 55 27.34 15.21 -11.80
N TYR A 56 28.06 15.61 -10.76
CA TYR A 56 27.74 16.84 -10.05
C TYR A 56 28.67 18.02 -10.38
N ALA A 57 29.22 18.04 -11.59
CA ALA A 57 30.12 19.12 -12.00
C ALA A 57 29.55 20.51 -11.72
N GLU A 58 28.24 20.66 -11.83
CA GLU A 58 27.58 21.93 -11.61
C GLU A 58 27.77 22.50 -10.19
N HIS A 59 28.05 21.61 -9.24
CA HIS A 59 28.21 22.02 -7.84
C HIS A 59 29.66 22.03 -7.34
N LYS A 60 30.59 21.68 -8.20
CA LYS A 60 32.00 21.60 -7.78
C LYS A 60 32.51 22.81 -7.00
N GLU A 61 31.88 23.97 -7.22
CA GLU A 61 32.28 25.21 -6.57
C GLU A 61 31.62 25.46 -5.21
N ARG A 62 30.59 24.67 -4.90
CA ARG A 62 29.86 24.81 -3.65
C ARG A 62 30.61 24.19 -2.46
N PRO A 63 30.42 24.76 -1.25
CA PRO A 63 31.07 24.25 -0.04
C PRO A 63 30.76 22.80 0.32
N PHE A 64 29.57 22.34 -0.04
CA PHE A 64 29.19 20.96 0.29
C PHE A 64 29.54 19.94 -0.79
N PHE A 65 30.24 20.39 -1.83
CA PHE A 65 30.61 19.50 -2.92
C PHE A 65 31.41 18.30 -2.44
N GLY A 66 32.43 18.54 -1.64
CA GLY A 66 33.25 17.45 -1.13
C GLY A 66 32.45 16.37 -0.44
N GLY A 67 31.59 16.79 0.49
CA GLY A 67 30.76 15.83 1.22
C GLY A 67 29.77 15.13 0.31
N LEU A 68 29.33 15.84 -0.74
CA LEU A 68 28.39 15.30 -1.70
C LEU A 68 29.04 14.15 -2.46
N VAL A 69 30.26 14.38 -2.94
CA VAL A 69 30.99 13.36 -3.68
C VAL A 69 31.28 12.18 -2.76
N SER A 70 31.74 12.47 -1.55
CA SER A 70 32.06 11.41 -0.59
C SER A 70 30.86 10.50 -0.32
N PHE A 71 29.70 11.10 -0.09
CA PHE A 71 28.50 10.31 0.20
C PHE A 71 27.97 9.50 -0.98
N ILE A 72 27.95 10.09 -2.16
CA ILE A 72 27.46 9.39 -3.34
C ILE A 72 28.34 8.18 -3.68
N THR A 73 29.59 8.19 -3.21
CA THR A 73 30.52 7.09 -3.48
C THR A 73 30.69 6.18 -2.26
N SER A 74 29.93 6.46 -1.20
CA SER A 74 30.03 5.67 0.03
C SER A 74 29.29 4.34 0.03
N GLY A 75 28.42 4.13 -0.95
CA GLY A 75 27.69 2.88 -0.99
C GLY A 75 26.99 2.66 -2.32
N PRO A 76 26.31 1.52 -2.48
CA PRO A 76 25.62 1.24 -3.73
C PRO A 76 24.57 2.27 -4.10
N VAL A 77 24.43 2.48 -5.40
CA VAL A 77 23.48 3.40 -5.99
C VAL A 77 22.74 2.61 -7.05
N VAL A 78 21.44 2.86 -7.21
CA VAL A 78 20.68 2.19 -8.25
C VAL A 78 20.40 3.22 -9.33
N ALA A 79 21.11 3.10 -10.45
CA ALA A 79 20.97 3.99 -11.60
C ALA A 79 19.86 3.50 -12.52
N MET A 80 19.05 4.44 -13.02
CA MET A 80 17.94 4.09 -13.88
C MET A 80 17.72 5.10 -14.99
N VAL A 81 17.03 4.65 -16.04
CA VAL A 81 16.68 5.53 -17.15
C VAL A 81 15.22 5.22 -17.49
N PHE A 82 14.37 6.23 -17.38
CA PHE A 82 12.95 6.06 -17.69
C PHE A 82 12.57 6.83 -18.94
N GLU A 83 11.66 6.27 -19.72
CA GLU A 83 11.24 6.90 -20.97
C GLU A 83 9.74 7.18 -21.02
N GLY A 84 9.39 8.32 -21.60
CA GLY A 84 8.00 8.72 -21.73
C GLY A 84 7.86 10.20 -22.00
N LYS A 85 6.67 10.61 -22.45
CA LYS A 85 6.43 12.02 -22.73
C LYS A 85 6.69 12.87 -21.49
N GLY A 86 7.45 13.95 -21.67
CA GLY A 86 7.76 14.87 -20.60
C GLY A 86 8.27 14.24 -19.31
N VAL A 87 8.94 13.09 -19.43
CA VAL A 87 9.46 12.37 -18.27
C VAL A 87 10.44 13.14 -17.39
N VAL A 88 11.25 14.00 -17.98
CA VAL A 88 12.21 14.77 -17.18
C VAL A 88 11.54 15.66 -16.14
N ALA A 89 10.67 16.56 -16.59
CA ALA A 89 9.98 17.44 -15.66
C ALA A 89 9.04 16.65 -14.75
N SER A 90 8.37 15.64 -15.30
CA SER A 90 7.44 14.81 -14.54
C SER A 90 8.15 14.10 -13.40
N ALA A 91 9.27 13.45 -13.71
CA ALA A 91 10.03 12.74 -12.70
C ALA A 91 10.47 13.68 -11.58
N ARG A 92 10.80 14.92 -11.92
CA ARG A 92 11.22 15.90 -10.91
C ARG A 92 10.05 16.27 -10.02
N LEU A 93 8.86 16.34 -10.60
CA LEU A 93 7.66 16.68 -9.85
C LEU A 93 7.36 15.55 -8.87
N MET A 94 7.57 14.31 -9.32
CA MET A 94 7.32 13.15 -8.48
C MET A 94 8.32 13.05 -7.34
N ILE A 95 9.49 13.65 -7.53
CA ILE A 95 10.55 13.66 -6.53
C ILE A 95 10.30 14.72 -5.44
N GLY A 96 9.95 15.93 -5.86
CA GLY A 96 9.70 17.00 -4.91
C GLY A 96 10.69 18.13 -5.15
N VAL A 97 11.27 18.67 -4.09
CA VAL A 97 12.27 19.74 -4.24
C VAL A 97 13.53 19.38 -3.47
N THR A 98 14.60 20.14 -3.69
CA THR A 98 15.88 19.89 -3.04
C THR A 98 15.81 19.56 -1.54
N ASN A 99 15.12 20.40 -0.77
CA ASN A 99 14.98 20.16 0.67
C ASN A 99 13.75 19.28 0.92
N PRO A 100 13.99 18.02 1.30
CA PRO A 100 12.89 17.08 1.57
C PRO A 100 11.86 17.56 2.59
N LEU A 101 12.27 18.45 3.49
CA LEU A 101 11.33 18.97 4.49
C LEU A 101 10.32 19.89 3.84
N ALA A 102 10.69 20.50 2.72
CA ALA A 102 9.80 21.39 2.00
C ALA A 102 9.07 20.66 0.87
N SER A 103 9.39 19.39 0.68
CA SER A 103 8.76 18.59 -0.38
C SER A 103 7.38 18.14 0.09
N ALA A 104 6.39 18.29 -0.78
CA ALA A 104 5.02 17.94 -0.43
C ALA A 104 4.74 16.45 -0.26
N PRO A 105 3.78 16.12 0.62
CA PRO A 105 3.42 14.71 0.84
C PRO A 105 2.97 14.19 -0.51
N GLY A 106 3.34 12.96 -0.84
CA GLY A 106 2.96 12.41 -2.13
C GLY A 106 4.20 12.28 -3.00
N SER A 107 5.13 13.20 -2.82
CA SER A 107 6.39 13.19 -3.58
C SER A 107 7.33 12.26 -2.84
N ILE A 108 8.34 11.73 -3.54
CA ILE A 108 9.30 10.82 -2.91
C ILE A 108 10.03 11.43 -1.73
N ARG A 109 10.67 12.58 -1.94
CA ARG A 109 11.38 13.23 -0.84
C ARG A 109 10.40 13.70 0.23
N GLY A 110 9.20 14.07 -0.20
CA GLY A 110 8.20 14.53 0.74
C GLY A 110 7.81 13.43 1.72
N ASP A 111 7.71 12.20 1.23
CA ASP A 111 7.32 11.07 2.06
C ASP A 111 8.44 10.37 2.84
N PHE A 112 9.67 10.41 2.32
CA PHE A 112 10.78 9.69 2.95
C PHE A 112 12.00 10.44 3.46
N GLY A 113 12.13 11.73 3.16
CA GLY A 113 13.31 12.46 3.58
C GLY A 113 13.15 13.58 4.58
N VAL A 114 14.23 13.89 5.29
CA VAL A 114 14.22 14.96 6.29
C VAL A 114 15.52 15.78 6.29
N ASP A 115 16.46 15.42 5.42
CA ASP A 115 17.74 16.15 5.33
C ASP A 115 18.18 16.32 3.88
N VAL A 116 18.57 17.54 3.51
CA VAL A 116 19.02 17.82 2.16
C VAL A 116 20.23 16.96 1.75
N GLY A 117 21.06 16.60 2.73
CA GLY A 117 22.23 15.77 2.45
C GLY A 117 21.90 14.30 2.35
N ARG A 118 20.65 13.96 2.61
CA ARG A 118 20.16 12.60 2.54
C ARG A 118 18.79 12.71 1.90
N ASN A 119 18.74 13.18 0.66
CA ASN A 119 17.46 13.36 -0.01
C ASN A 119 17.02 12.21 -0.91
N ILE A 120 17.39 11.00 -0.54
CA ILE A 120 16.94 9.80 -1.23
C ILE A 120 17.23 9.51 -2.69
N ILE A 121 16.98 10.48 -3.56
CA ILE A 121 17.12 10.25 -5.00
C ILE A 121 17.52 11.45 -5.84
N HIS A 122 18.06 11.17 -7.01
CA HIS A 122 18.46 12.21 -7.96
C HIS A 122 17.67 12.06 -9.27
N GLY A 123 17.29 13.19 -9.86
CA GLY A 123 16.58 13.17 -11.12
C GLY A 123 17.09 14.29 -12.01
N SER A 124 17.32 14.01 -13.28
CA SER A 124 17.81 15.02 -14.23
C SER A 124 16.90 16.23 -14.19
N ASP A 125 17.48 17.43 -14.28
CA ASP A 125 16.66 18.64 -14.23
C ASP A 125 16.27 19.21 -15.59
N SER A 126 16.85 18.64 -16.65
CA SER A 126 16.53 19.10 -18.00
C SER A 126 16.82 18.00 -19.00
N VAL A 127 16.29 18.16 -20.21
CA VAL A 127 16.53 17.17 -21.26
C VAL A 127 18.02 17.13 -21.57
N GLU A 128 18.64 18.30 -21.58
CA GLU A 128 20.06 18.41 -21.87
C GLU A 128 20.88 17.72 -20.78
N SER A 129 20.57 17.99 -19.52
CA SER A 129 21.27 17.36 -18.42
C SER A 129 21.03 15.85 -18.44
N ALA A 130 19.79 15.46 -18.74
CA ALA A 130 19.41 14.05 -18.81
C ALA A 130 20.26 13.30 -19.84
N ASN A 131 20.38 13.86 -21.04
CA ASN A 131 21.16 13.22 -22.09
C ASN A 131 22.61 13.04 -21.68
N ARG A 132 23.13 14.07 -21.01
CA ARG A 132 24.51 14.02 -20.56
C ARG A 132 24.68 12.97 -19.45
N GLU A 133 23.77 12.98 -18.49
CA GLU A 133 23.82 12.03 -17.39
C GLU A 133 23.62 10.59 -17.87
N ILE A 134 22.69 10.38 -18.80
CA ILE A 134 22.44 9.04 -19.32
C ILE A 134 23.73 8.51 -19.96
N ALA A 135 24.40 9.35 -20.74
CA ALA A 135 25.63 8.97 -21.42
C ALA A 135 26.77 8.74 -20.45
N LEU A 136 26.71 9.42 -19.30
CA LEU A 136 27.73 9.31 -18.26
C LEU A 136 27.67 7.98 -17.52
N TRP A 137 26.47 7.62 -17.06
CA TRP A 137 26.26 6.40 -16.27
C TRP A 137 25.99 5.10 -17.00
N PHE A 138 25.50 5.18 -18.24
CA PHE A 138 25.19 3.96 -18.99
C PHE A 138 25.93 3.88 -20.32
N LYS A 139 26.13 2.65 -20.78
CA LYS A 139 26.76 2.39 -22.06
C LYS A 139 25.57 2.20 -22.99
N PRO A 140 25.73 2.51 -24.28
CA PRO A 140 24.62 2.35 -25.24
C PRO A 140 23.97 0.97 -25.19
N GLU A 141 24.80 -0.07 -25.06
CA GLU A 141 24.31 -1.45 -25.04
C GLU A 141 23.46 -1.78 -23.82
N GLU A 142 23.52 -0.93 -22.80
CA GLU A 142 22.76 -1.17 -21.56
C GLU A 142 21.38 -0.53 -21.59
N LEU A 143 21.06 0.14 -22.69
CA LEU A 143 19.77 0.81 -22.82
C LEU A 143 18.90 0.13 -23.88
N LEU A 144 17.61 -0.01 -23.57
CA LEU A 144 16.70 -0.63 -24.53
C LEU A 144 16.62 0.23 -25.79
N THR A 145 16.26 -0.41 -26.90
CA THR A 145 16.12 0.28 -28.17
C THR A 145 14.70 0.05 -28.65
N GLU A 146 14.10 -1.03 -28.16
CA GLU A 146 12.74 -1.41 -28.50
C GLU A 146 11.79 -1.20 -27.33
N VAL A 147 10.91 -0.21 -27.44
CA VAL A 147 9.95 0.06 -26.36
C VAL A 147 8.54 -0.41 -26.72
N LYS A 148 7.97 0.18 -27.77
CA LYS A 148 6.61 -0.16 -28.22
C LYS A 148 5.58 0.61 -27.39
N PRO A 149 5.06 1.72 -27.95
CA PRO A 149 4.06 2.58 -27.30
C PRO A 149 2.83 1.84 -26.78
N ASN A 150 2.52 2.08 -25.52
CA ASN A 150 1.36 1.45 -24.90
C ASN A 150 0.14 2.30 -25.27
N PRO A 151 -0.78 1.73 -26.06
CA PRO A 151 -1.99 2.46 -26.48
C PRO A 151 -2.88 2.91 -25.33
N ASN A 152 -2.65 2.36 -24.15
CA ASN A 152 -3.44 2.75 -22.98
C ASN A 152 -2.85 3.98 -22.31
N LEU A 153 -1.57 4.26 -22.58
CA LEU A 153 -0.88 5.40 -21.99
C LEU A 153 -0.82 6.65 -22.86
N TYR A 154 -0.83 6.46 -24.17
CA TYR A 154 -0.74 7.58 -25.10
C TYR A 154 -1.76 7.55 -26.22
N GLU A 155 -2.22 8.74 -26.59
CA GLU A 155 -3.18 8.89 -27.67
C GLU A 155 -2.43 9.17 -28.98
N VAL B 6 -10.24 -23.44 -20.08
CA VAL B 6 -10.17 -22.23 -20.95
C VAL B 6 -10.01 -20.98 -20.09
N ASN B 7 -9.37 -19.96 -20.66
CA ASN B 7 -9.15 -18.71 -19.96
C ASN B 7 -10.40 -17.84 -19.95
N LYS B 8 -11.53 -18.42 -20.34
CA LYS B 8 -12.79 -17.68 -20.41
C LYS B 8 -13.71 -17.94 -19.22
N GLU B 9 -13.25 -18.78 -18.29
CA GLU B 9 -14.04 -19.11 -17.11
C GLU B 9 -14.44 -17.84 -16.35
N ARG B 10 -15.65 -17.84 -15.77
CA ARG B 10 -16.13 -16.70 -15.02
C ARG B 10 -16.64 -17.07 -13.64
N THR B 11 -16.59 -16.12 -12.72
CA THR B 11 -17.08 -16.37 -11.37
C THR B 11 -17.84 -15.16 -10.85
N PHE B 12 -18.79 -15.40 -9.96
CA PHE B 12 -19.57 -14.31 -9.38
C PHE B 12 -19.03 -13.99 -8.01
N LEU B 13 -18.78 -12.71 -7.77
CA LEU B 13 -18.28 -12.23 -6.50
C LEU B 13 -19.19 -11.11 -6.03
N ALA B 14 -19.43 -11.05 -4.73
CA ALA B 14 -20.28 -10.00 -4.21
C ALA B 14 -19.76 -9.50 -2.86
N VAL B 15 -19.53 -8.19 -2.78
CA VAL B 15 -19.09 -7.60 -1.54
C VAL B 15 -20.41 -7.38 -0.80
N LYS B 16 -20.59 -8.13 0.28
CA LYS B 16 -21.81 -8.06 1.08
C LYS B 16 -21.95 -6.76 1.88
N PRO B 17 -23.14 -6.50 2.44
CA PRO B 17 -23.38 -5.28 3.22
C PRO B 17 -22.28 -4.87 4.21
N ASP B 18 -21.63 -5.83 4.86
CA ASP B 18 -20.57 -5.47 5.81
C ASP B 18 -19.32 -4.98 5.09
N GLY B 19 -18.96 -5.65 4.00
CA GLY B 19 -17.80 -5.25 3.24
C GLY B 19 -17.96 -3.85 2.67
N VAL B 20 -19.14 -3.55 2.14
CA VAL B 20 -19.43 -2.23 1.58
C VAL B 20 -19.40 -1.15 2.66
N ALA B 21 -20.12 -1.40 3.75
CA ALA B 21 -20.18 -0.43 4.85
C ALA B 21 -18.81 -0.14 5.44
N ARG B 22 -17.91 -1.11 5.37
CA ARG B 22 -16.58 -0.91 5.93
C ARG B 22 -15.56 -0.36 4.94
N GLY B 23 -16.04 0.05 3.76
CA GLY B 23 -15.15 0.62 2.75
C GLY B 23 -14.09 -0.31 2.19
N LEU B 24 -14.51 -1.52 1.80
CA LEU B 24 -13.58 -2.50 1.26
C LEU B 24 -13.82 -2.81 -0.22
N VAL B 25 -14.70 -2.06 -0.88
CA VAL B 25 -15.00 -2.30 -2.29
C VAL B 25 -13.79 -2.15 -3.21
N GLY B 26 -13.11 -1.01 -3.14
CA GLY B 26 -11.95 -0.77 -3.97
C GLY B 26 -10.81 -1.74 -3.68
N GLU B 27 -10.55 -1.96 -2.39
CA GLU B 27 -9.51 -2.88 -1.95
C GLU B 27 -9.72 -4.26 -2.59
N ILE B 28 -10.95 -4.76 -2.52
CA ILE B 28 -11.27 -6.07 -3.07
C ILE B 28 -11.15 -6.11 -4.59
N ILE B 29 -11.76 -5.14 -5.25
CA ILE B 29 -11.70 -5.09 -6.71
C ILE B 29 -10.25 -5.02 -7.17
N ALA B 30 -9.44 -4.24 -6.46
CA ALA B 30 -8.03 -4.06 -6.79
C ALA B 30 -7.25 -5.39 -6.76
N ARG B 31 -7.54 -6.23 -5.76
CA ARG B 31 -6.85 -7.50 -5.64
C ARG B 31 -7.11 -8.39 -6.85
N TYR B 32 -8.36 -8.42 -7.31
CA TYR B 32 -8.68 -9.24 -8.47
C TYR B 32 -8.07 -8.65 -9.75
N GLU B 33 -8.04 -7.33 -9.86
CA GLU B 33 -7.44 -6.66 -11.03
C GLU B 33 -5.92 -6.95 -11.08
N LYS B 34 -5.26 -6.83 -9.93
CA LYS B 34 -3.81 -7.07 -9.87
C LYS B 34 -3.48 -8.51 -10.20
N LYS B 35 -4.38 -9.42 -9.83
CA LYS B 35 -4.20 -10.84 -10.08
C LYS B 35 -4.18 -11.09 -11.59
N GLY B 36 -4.92 -10.25 -12.32
CA GLY B 36 -4.97 -10.40 -13.77
C GLY B 36 -6.36 -10.72 -14.29
N PHE B 37 -7.31 -10.95 -13.40
CA PHE B 37 -8.67 -11.25 -13.84
C PHE B 37 -9.32 -9.99 -14.38
N VAL B 38 -10.19 -10.18 -15.37
CA VAL B 38 -10.88 -9.06 -16.00
C VAL B 38 -12.30 -8.91 -15.47
N LEU B 39 -12.67 -7.67 -15.17
CA LEU B 39 -14.01 -7.38 -14.66
C LEU B 39 -14.96 -7.39 -15.87
N VAL B 40 -15.91 -8.31 -15.88
CA VAL B 40 -16.86 -8.37 -16.99
C VAL B 40 -18.27 -7.94 -16.58
N GLY B 41 -18.44 -7.58 -15.31
CA GLY B 41 -19.73 -7.14 -14.81
C GLY B 41 -19.53 -6.47 -13.46
N LEU B 42 -20.33 -5.45 -13.18
CA LEU B 42 -20.19 -4.73 -11.90
C LEU B 42 -21.35 -3.78 -11.67
N LYS B 43 -21.84 -3.75 -10.42
CA LYS B 43 -22.92 -2.85 -10.07
C LYS B 43 -23.25 -2.93 -8.59
N GLN B 44 -23.68 -1.81 -8.02
CA GLN B 44 -24.07 -1.78 -6.63
C GLN B 44 -25.59 -1.82 -6.61
N LEU B 45 -26.13 -2.58 -5.67
CA LEU B 45 -27.57 -2.71 -5.56
C LEU B 45 -27.92 -3.17 -4.16
N VAL B 46 -29.18 -2.98 -3.78
CA VAL B 46 -29.68 -3.45 -2.50
C VAL B 46 -30.49 -4.66 -2.96
N PRO B 47 -29.98 -5.88 -2.71
CA PRO B 47 -30.68 -7.09 -3.11
C PRO B 47 -32.10 -7.18 -2.59
N THR B 48 -32.98 -7.75 -3.42
CA THR B 48 -34.37 -7.92 -3.05
C THR B 48 -34.52 -9.22 -2.29
N LYS B 49 -35.64 -9.37 -1.61
CA LYS B 49 -35.93 -10.57 -0.84
C LYS B 49 -35.80 -11.79 -1.75
N ASP B 50 -36.45 -11.75 -2.90
CA ASP B 50 -36.41 -12.86 -3.84
C ASP B 50 -35.02 -13.16 -4.37
N LEU B 51 -34.30 -12.11 -4.76
CA LEU B 51 -32.94 -12.30 -5.26
C LEU B 51 -32.15 -13.08 -4.22
N ALA B 52 -32.24 -12.62 -2.97
CA ALA B 52 -31.53 -13.25 -1.87
C ALA B 52 -31.94 -14.71 -1.67
N GLU B 53 -33.24 -14.96 -1.61
CA GLU B 53 -33.74 -16.32 -1.43
C GLU B 53 -33.28 -17.26 -2.54
N SER B 54 -33.12 -16.72 -3.74
CA SER B 54 -32.67 -17.54 -4.86
C SER B 54 -31.18 -17.82 -4.69
N HIS B 55 -30.43 -16.77 -4.37
CA HIS B 55 -28.99 -16.88 -4.17
C HIS B 55 -28.64 -17.97 -3.15
N TYR B 56 -29.33 -17.94 -2.01
CA TYR B 56 -29.09 -18.91 -0.95
C TYR B 56 -30.06 -20.08 -0.99
N ALA B 57 -30.69 -20.29 -2.15
CA ALA B 57 -31.67 -21.36 -2.33
C ALA B 57 -31.25 -22.70 -1.75
N GLU B 58 -29.96 -23.02 -1.83
CA GLU B 58 -29.46 -24.30 -1.33
C GLU B 58 -29.62 -24.47 0.17
N HIS B 59 -29.79 -23.35 0.89
CA HIS B 59 -29.95 -23.38 2.34
C HIS B 59 -31.37 -23.08 2.80
N LYS B 60 -32.31 -23.05 1.84
CA LYS B 60 -33.71 -22.75 2.14
C LYS B 60 -34.31 -23.59 3.26
N GLU B 61 -33.69 -24.73 3.55
CA GLU B 61 -34.19 -25.63 4.59
C GLU B 61 -33.50 -25.47 5.94
N ARG B 62 -32.29 -24.91 5.92
CA ARG B 62 -31.52 -24.74 7.15
C ARG B 62 -31.93 -23.48 7.93
N PRO B 63 -32.03 -23.60 9.27
CA PRO B 63 -32.42 -22.53 10.21
C PRO B 63 -31.76 -21.17 10.01
N PHE B 64 -30.50 -21.16 9.59
CA PHE B 64 -29.77 -19.91 9.38
C PHE B 64 -30.13 -19.22 8.08
N PHE B 65 -30.88 -19.91 7.23
CA PHE B 65 -31.29 -19.36 5.94
C PHE B 65 -31.94 -17.99 6.10
N GLY B 66 -32.84 -17.87 7.08
CA GLY B 66 -33.51 -16.61 7.31
C GLY B 66 -32.54 -15.48 7.61
N GLY B 67 -31.49 -15.80 8.36
CA GLY B 67 -30.50 -14.80 8.71
C GLY B 67 -29.72 -14.31 7.50
N LEU B 68 -29.24 -15.26 6.69
CA LEU B 68 -28.47 -14.92 5.49
C LEU B 68 -29.25 -14.02 4.54
N VAL B 69 -30.56 -14.26 4.43
CA VAL B 69 -31.41 -13.48 3.54
C VAL B 69 -31.60 -12.07 4.05
N SER B 70 -31.86 -11.94 5.35
CA SER B 70 -32.09 -10.64 5.96
C SER B 70 -30.86 -9.76 5.90
N PHE B 71 -29.68 -10.33 6.15
CA PHE B 71 -28.46 -9.54 6.14
C PHE B 71 -28.04 -9.05 4.75
N ILE B 72 -28.11 -9.93 3.76
CA ILE B 72 -27.67 -9.54 2.41
C ILE B 72 -28.63 -8.54 1.77
N THR B 73 -29.82 -8.41 2.33
CA THR B 73 -30.80 -7.45 1.81
C THR B 73 -30.90 -6.25 2.74
N SER B 74 -30.01 -6.16 3.73
CA SER B 74 -30.04 -5.08 4.71
C SER B 74 -29.32 -3.81 4.29
N GLY B 75 -28.55 -3.88 3.22
CA GLY B 75 -27.83 -2.70 2.76
C GLY B 75 -27.29 -2.89 1.37
N PRO B 76 -26.54 -1.90 0.85
CA PRO B 76 -25.99 -2.04 -0.50
C PRO B 76 -24.95 -3.15 -0.61
N VAL B 77 -24.95 -3.79 -1.76
CA VAL B 77 -24.03 -4.89 -2.08
C VAL B 77 -23.38 -4.56 -3.43
N VAL B 78 -22.09 -4.88 -3.56
CA VAL B 78 -21.42 -4.65 -4.84
C VAL B 78 -21.21 -6.00 -5.49
N ALA B 79 -22.01 -6.25 -6.53
CA ALA B 79 -21.96 -7.51 -7.26
C ALA B 79 -21.01 -7.36 -8.43
N MET B 80 -20.29 -8.44 -8.74
CA MET B 80 -19.35 -8.39 -9.85
C MET B 80 -19.07 -9.76 -10.46
N VAL B 81 -18.55 -9.75 -11.68
CA VAL B 81 -18.20 -10.97 -12.39
C VAL B 81 -16.78 -10.80 -12.92
N PHE B 82 -15.92 -11.76 -12.62
CA PHE B 82 -14.53 -11.71 -13.09
C PHE B 82 -14.25 -12.88 -14.03
N GLU B 83 -13.40 -12.66 -15.03
CA GLU B 83 -13.08 -13.70 -16.00
C GLU B 83 -11.58 -13.99 -16.07
N GLY B 84 -11.24 -15.27 -16.20
CA GLY B 84 -9.85 -15.67 -16.29
C GLY B 84 -9.70 -17.16 -16.07
N LYS B 85 -8.51 -17.69 -16.34
CA LYS B 85 -8.27 -19.11 -16.15
C LYS B 85 -8.47 -19.50 -14.70
N GLY B 86 -9.24 -20.55 -14.47
CA GLY B 86 -9.50 -21.03 -13.11
C GLY B 86 -9.92 -19.98 -12.11
N VAL B 87 -10.53 -18.90 -12.59
CA VAL B 87 -10.94 -17.82 -11.70
C VAL B 87 -11.80 -18.27 -10.52
N VAL B 88 -12.67 -19.25 -10.75
CA VAL B 88 -13.54 -19.74 -9.69
C VAL B 88 -12.78 -20.21 -8.46
N ALA B 89 -11.92 -21.22 -8.65
CA ALA B 89 -11.14 -21.75 -7.55
C ALA B 89 -10.19 -20.70 -6.99
N SER B 90 -9.59 -19.92 -7.89
CA SER B 90 -8.65 -18.88 -7.51
C SER B 90 -9.31 -17.80 -6.64
N ALA B 91 -10.49 -17.34 -7.05
CA ALA B 91 -11.22 -16.32 -6.30
C ALA B 91 -11.44 -16.76 -4.86
N ARG B 92 -11.87 -18.01 -4.68
CA ARG B 92 -12.11 -18.54 -3.35
C ARG B 92 -10.84 -18.59 -2.51
N LEU B 93 -9.73 -19.00 -3.14
CA LEU B 93 -8.45 -19.06 -2.45
C LEU B 93 -8.03 -17.68 -2.00
N MET B 94 -8.36 -16.67 -2.81
CA MET B 94 -8.01 -15.30 -2.50
C MET B 94 -8.88 -14.74 -1.38
N ILE B 95 -10.10 -15.26 -1.26
CA ILE B 95 -11.02 -14.82 -0.21
C ILE B 95 -10.61 -15.40 1.14
N GLY B 96 -10.29 -16.69 1.15
CA GLY B 96 -9.90 -17.34 2.39
C GLY B 96 -10.87 -18.48 2.68
N VAL B 97 -11.13 -18.73 3.97
CA VAL B 97 -12.06 -19.79 4.35
C VAL B 97 -13.30 -19.20 5.01
N THR B 98 -14.33 -20.02 5.17
CA THR B 98 -15.59 -19.57 5.77
C THR B 98 -15.40 -18.70 7.01
N ASN B 99 -14.56 -19.16 7.92
CA ASN B 99 -14.29 -18.41 9.15
C ASN B 99 -13.09 -17.49 8.97
N PRO B 100 -13.31 -16.17 8.89
CA PRO B 100 -12.18 -15.25 8.72
C PRO B 100 -11.09 -15.36 9.79
N LEU B 101 -11.45 -15.77 11.00
CA LEU B 101 -10.44 -15.92 12.04
C LEU B 101 -9.44 -17.01 11.71
N ALA B 102 -9.90 -18.00 10.93
CA ALA B 102 -9.06 -19.11 10.52
C ALA B 102 -8.46 -18.89 9.13
N SER B 103 -8.75 -17.74 8.53
CA SER B 103 -8.25 -17.41 7.20
C SER B 103 -6.84 -16.87 7.31
N ALA B 104 -5.95 -17.34 6.44
CA ALA B 104 -4.55 -16.91 6.46
C ALA B 104 -4.32 -15.45 6.09
N PRO B 105 -3.31 -14.81 6.71
CA PRO B 105 -3.01 -13.40 6.42
C PRO B 105 -2.71 -13.35 4.92
N GLY B 106 -3.16 -12.31 4.24
CA GLY B 106 -2.94 -12.21 2.82
C GLY B 106 -4.22 -12.44 2.05
N SER B 107 -5.12 -13.23 2.63
CA SER B 107 -6.42 -13.48 2.01
C SER B 107 -7.33 -12.33 2.43
N ILE B 108 -8.46 -12.16 1.76
CA ILE B 108 -9.35 -11.06 2.10
C ILE B 108 -9.94 -11.16 3.51
N ARG B 109 -10.53 -12.31 3.82
CA ARG B 109 -11.10 -12.49 5.15
C ARG B 109 -9.99 -12.54 6.19
N GLY B 110 -8.86 -13.12 5.81
CA GLY B 110 -7.75 -13.20 6.73
C GLY B 110 -7.27 -11.84 7.18
N ASP B 111 -7.23 -10.89 6.25
CA ASP B 111 -6.78 -9.54 6.54
C ASP B 111 -7.85 -8.61 7.10
N PHE B 112 -9.11 -8.85 6.78
CA PHE B 112 -10.18 -7.94 7.21
C PHE B 112 -11.37 -8.47 8.01
N GLY B 113 -11.47 -9.78 8.24
CA GLY B 113 -12.61 -10.30 8.96
C GLY B 113 -12.35 -10.96 10.31
N VAL B 114 -13.38 -10.99 11.15
CA VAL B 114 -13.29 -11.59 12.48
C VAL B 114 -14.54 -12.38 12.87
N ASP B 115 -15.55 -12.39 12.00
CA ASP B 115 -16.79 -13.10 12.31
C ASP B 115 -17.37 -13.84 11.10
N VAL B 116 -17.71 -15.11 11.29
CA VAL B 116 -18.28 -15.93 10.21
C VAL B 116 -19.57 -15.31 9.68
N GLY B 117 -20.29 -14.60 10.55
CA GLY B 117 -21.54 -13.98 10.16
C GLY B 117 -21.39 -12.65 9.46
N ARG B 118 -20.16 -12.17 9.37
CA ARG B 118 -19.83 -10.90 8.73
C ARG B 118 -18.52 -11.19 7.99
N ASN B 119 -18.56 -12.11 7.04
CA ASN B 119 -17.36 -12.48 6.31
C ASN B 119 -17.05 -11.71 5.04
N ILE B 120 -17.53 -10.46 5.00
CA ILE B 120 -17.22 -9.53 3.91
C ILE B 120 -17.58 -9.79 2.45
N ILE B 121 -17.35 -11.01 1.97
CA ILE B 121 -17.56 -11.27 0.57
C ILE B 121 -18.01 -12.70 0.27
N HIS B 122 -18.65 -12.86 -0.88
CA HIS B 122 -19.12 -14.16 -1.35
C HIS B 122 -18.45 -14.47 -2.67
N GLY B 123 -18.06 -15.72 -2.84
CA GLY B 123 -17.44 -16.17 -4.08
C GLY B 123 -18.06 -17.50 -4.48
N SER B 124 -18.40 -17.66 -5.75
CA SER B 124 -19.02 -18.92 -6.20
C SER B 124 -18.11 -20.08 -5.79
N ASP B 125 -18.71 -21.22 -5.43
CA ASP B 125 -17.91 -22.38 -5.01
C ASP B 125 -17.53 -23.33 -6.13
N SER B 126 -18.12 -23.15 -7.30
CA SER B 126 -17.83 -23.99 -8.46
C SER B 126 -18.33 -23.32 -9.72
N VAL B 127 -17.94 -23.88 -10.86
CA VAL B 127 -18.34 -23.35 -12.16
C VAL B 127 -19.85 -23.37 -12.36
N GLU B 128 -20.50 -24.44 -11.93
CA GLU B 128 -21.95 -24.52 -12.10
C GLU B 128 -22.67 -23.54 -11.20
N SER B 129 -22.20 -23.36 -9.97
CA SER B 129 -22.84 -22.40 -9.07
C SER B 129 -22.62 -20.98 -9.61
N ALA B 130 -21.44 -20.76 -10.19
CA ALA B 130 -21.08 -19.47 -10.75
C ALA B 130 -21.97 -19.10 -11.93
N ASN B 131 -22.11 -20.01 -12.89
CA ASN B 131 -22.94 -19.76 -14.05
C ASN B 131 -24.38 -19.46 -13.63
N ARG B 132 -24.82 -20.13 -12.57
CA ARG B 132 -26.17 -19.92 -12.07
C ARG B 132 -26.26 -18.57 -11.35
N GLU B 133 -25.25 -18.26 -10.55
CA GLU B 133 -25.24 -17.01 -9.82
C GLU B 133 -25.13 -15.81 -10.75
N ILE B 134 -24.28 -15.93 -11.77
CA ILE B 134 -24.11 -14.85 -12.73
C ILE B 134 -25.42 -14.54 -13.45
N ALA B 135 -26.13 -15.58 -13.87
CA ALA B 135 -27.40 -15.41 -14.58
C ALA B 135 -28.47 -14.84 -13.67
N LEU B 136 -28.35 -15.13 -12.37
CA LEU B 136 -29.31 -14.67 -11.37
C LEU B 136 -29.12 -13.18 -11.05
N TRP B 137 -27.87 -12.75 -10.86
CA TRP B 137 -27.57 -11.37 -10.50
C TRP B 137 -27.40 -10.37 -11.63
N PHE B 138 -26.99 -10.83 -12.81
CA PHE B 138 -26.79 -9.92 -13.94
C PHE B 138 -27.59 -10.32 -15.17
N LYS B 139 -27.99 -9.33 -15.95
CA LYS B 139 -28.71 -9.58 -17.19
C LYS B 139 -27.58 -9.71 -18.22
N PRO B 140 -27.80 -10.49 -19.29
CA PRO B 140 -26.74 -10.65 -20.29
C PRO B 140 -26.14 -9.35 -20.82
N GLU B 141 -26.97 -8.31 -20.94
CA GLU B 141 -26.52 -7.01 -21.46
C GLU B 141 -25.60 -6.25 -20.50
N GLU B 142 -25.47 -6.73 -19.27
CA GLU B 142 -24.63 -6.06 -18.30
C GLU B 142 -23.23 -6.68 -18.23
N LEU B 143 -23.03 -7.74 -19.01
CA LEU B 143 -21.76 -8.45 -19.05
C LEU B 143 -21.04 -8.24 -20.39
N LEU B 144 -19.73 -7.98 -20.32
CA LEU B 144 -18.95 -7.77 -21.52
C LEU B 144 -18.89 -9.03 -22.38
N THR B 145 -18.85 -8.84 -23.70
CA THR B 145 -18.74 -9.95 -24.63
C THR B 145 -17.35 -9.86 -25.28
N GLU B 146 -16.75 -8.68 -25.19
CA GLU B 146 -15.41 -8.42 -25.72
C GLU B 146 -14.46 -8.26 -24.55
N VAL B 147 -13.66 -9.28 -24.27
CA VAL B 147 -12.73 -9.24 -23.16
C VAL B 147 -11.35 -8.72 -23.53
N LYS B 148 -10.51 -9.57 -24.11
CA LYS B 148 -9.16 -9.15 -24.50
C LYS B 148 -8.35 -8.66 -23.28
N PRO B 149 -7.88 -9.59 -22.44
CA PRO B 149 -7.10 -9.23 -21.24
C PRO B 149 -5.64 -8.89 -21.58
N ASN B 150 -4.86 -8.56 -20.55
CA ASN B 150 -3.44 -8.22 -20.74
C ASN B 150 -2.83 -9.37 -21.52
N PRO B 151 -2.05 -9.07 -22.58
CA PRO B 151 -1.41 -10.09 -23.42
C PRO B 151 -0.24 -10.82 -22.74
N ASN B 152 0.16 -10.33 -21.57
CA ASN B 152 1.27 -10.91 -20.84
C ASN B 152 0.80 -11.87 -19.74
N LEU B 153 -0.51 -12.12 -19.67
CA LEU B 153 -1.07 -13.00 -18.66
C LEU B 153 -1.14 -14.48 -19.01
N TYR B 154 -1.35 -14.77 -20.30
CA TYR B 154 -1.48 -16.15 -20.74
C TYR B 154 -0.49 -16.58 -21.81
N GLU B 155 -0.06 -17.83 -21.70
CA GLU B 155 0.88 -18.41 -22.66
C GLU B 155 0.15 -18.85 -23.91
N VAL C 6 -16.30 -15.23 23.26
CA VAL C 6 -16.80 -13.84 23.42
C VAL C 6 -15.95 -12.88 22.59
N ASN C 7 -16.59 -11.79 22.14
CA ASN C 7 -15.92 -10.78 21.34
C ASN C 7 -15.18 -9.80 22.24
N LYS C 8 -15.09 -10.12 23.53
CA LYS C 8 -14.41 -9.28 24.50
C LYS C 8 -13.01 -9.79 24.83
N GLU C 9 -12.63 -10.91 24.21
CA GLU C 9 -11.33 -11.50 24.44
C GLU C 9 -10.22 -10.50 24.07
N ARG C 10 -9.12 -10.53 24.82
CA ARG C 10 -8.02 -9.63 24.58
C ARG C 10 -6.69 -10.38 24.52
N THR C 11 -5.70 -9.77 23.87
CA THR C 11 -4.38 -10.37 23.78
C THR C 11 -3.32 -9.29 23.96
N PHE C 12 -2.13 -9.69 24.35
CA PHE C 12 -1.04 -8.74 24.55
C PHE C 12 -0.08 -8.85 23.38
N LEU C 13 0.22 -7.72 22.74
CA LEU C 13 1.13 -7.68 21.60
C LEU C 13 2.21 -6.63 21.87
N ALA C 14 3.44 -6.93 21.45
CA ALA C 14 4.52 -5.99 21.63
C ALA C 14 5.48 -5.97 20.45
N VAL C 15 5.73 -4.79 19.91
CA VAL C 15 6.67 -4.66 18.82
C VAL C 15 8.01 -4.61 19.55
N LYS C 16 8.84 -5.62 19.35
CA LYS C 16 10.12 -5.67 20.02
C LYS C 16 11.08 -4.62 19.49
N PRO C 17 12.20 -4.38 20.19
CA PRO C 17 13.19 -3.38 19.79
C PRO C 17 13.59 -3.38 18.32
N ASP C 18 13.64 -4.55 17.70
CA ASP C 18 14.01 -4.60 16.29
C ASP C 18 12.88 -4.05 15.44
N GLY C 19 11.64 -4.35 15.83
CA GLY C 19 10.50 -3.87 15.08
C GLY C 19 10.38 -2.35 15.16
N VAL C 20 10.62 -1.80 16.35
CA VAL C 20 10.54 -0.36 16.54
C VAL C 20 11.69 0.32 15.80
N ALA C 21 12.88 -0.27 15.91
CA ALA C 21 14.07 0.26 15.28
C ALA C 21 13.97 0.27 13.76
N ARG C 22 13.22 -0.67 13.20
CA ARG C 22 13.08 -0.77 11.74
C ARG C 22 11.89 0.01 11.18
N GLY C 23 11.17 0.71 12.05
CA GLY C 23 10.01 1.49 11.62
C GLY C 23 8.80 0.68 11.20
N LEU C 24 8.47 -0.35 11.99
CA LEU C 24 7.34 -1.20 11.66
C LEU C 24 6.15 -1.07 12.61
N VAL C 25 6.21 -0.10 13.52
CA VAL C 25 5.14 0.09 14.48
C VAL C 25 3.78 0.38 13.82
N GLY C 26 3.75 1.38 12.93
CA GLY C 26 2.51 1.75 12.26
C GLY C 26 1.99 0.63 11.38
N GLU C 27 2.88 0.02 10.61
CA GLU C 27 2.52 -1.10 9.74
C GLU C 27 1.79 -2.16 10.57
N ILE C 28 2.41 -2.58 11.67
CA ILE C 28 1.82 -3.60 12.51
C ILE C 28 0.46 -3.18 13.10
N ILE C 29 0.41 -2.02 13.74
CA ILE C 29 -0.85 -1.56 14.32
C ILE C 29 -1.95 -1.53 13.27
N ALA C 30 -1.61 -1.07 12.06
CA ALA C 30 -2.56 -0.99 10.96
C ALA C 30 -3.13 -2.34 10.54
N ARG C 31 -2.32 -3.38 10.58
CA ARG C 31 -2.79 -4.71 10.21
C ARG C 31 -3.90 -5.17 11.15
N TYR C 32 -3.70 -4.93 12.44
CA TYR C 32 -4.69 -5.32 13.43
C TYR C 32 -5.92 -4.43 13.38
N GLU C 33 -5.73 -3.16 13.05
CA GLU C 33 -6.84 -2.22 12.92
C GLU C 33 -7.70 -2.64 11.74
N LYS C 34 -7.06 -2.93 10.60
CA LYS C 34 -7.79 -3.34 9.39
C LYS C 34 -8.56 -4.63 9.61
N LYS C 35 -8.02 -5.52 10.44
CA LYS C 35 -8.63 -6.81 10.73
C LYS C 35 -9.96 -6.63 11.47
N GLY C 36 -10.06 -5.55 12.24
CA GLY C 36 -11.28 -5.30 12.98
C GLY C 36 -11.09 -5.29 14.49
N PHE C 37 -9.88 -5.64 14.94
CA PHE C 37 -9.62 -5.66 16.38
C PHE C 37 -9.49 -4.25 16.93
N VAL C 38 -9.95 -4.05 18.16
CA VAL C 38 -9.90 -2.75 18.79
C VAL C 38 -8.72 -2.57 19.73
N LEU C 39 -8.02 -1.45 19.56
CA LEU C 39 -6.87 -1.11 20.40
C LEU C 39 -7.42 -0.65 21.75
N VAL C 40 -7.08 -1.37 22.82
CA VAL C 40 -7.57 -1.02 24.16
C VAL C 40 -6.45 -0.57 25.09
N GLY C 41 -5.22 -0.69 24.63
CA GLY C 41 -4.07 -0.27 25.42
C GLY C 41 -2.90 -0.02 24.49
N LEU C 42 -2.12 1.02 24.73
CA LEU C 42 -0.99 1.34 23.88
C LEU C 42 0.02 2.27 24.56
N LYS C 43 1.30 1.98 24.38
CA LYS C 43 2.36 2.80 24.95
C LYS C 43 3.75 2.28 24.59
N GLN C 44 4.70 3.21 24.47
CA GLN C 44 6.09 2.85 24.18
C GLN C 44 6.87 3.02 25.47
N LEU C 45 7.78 2.08 25.71
CA LEU C 45 8.59 2.11 26.91
C LEU C 45 9.85 1.27 26.71
N VAL C 46 10.82 1.46 27.59
CA VAL C 46 12.05 0.69 27.56
C VAL C 46 11.89 -0.26 28.73
N PRO C 47 11.53 -1.52 28.46
CA PRO C 47 11.33 -2.53 29.52
C PRO C 47 12.51 -2.67 30.49
N THR C 48 12.19 -2.83 31.78
CA THR C 48 13.21 -3.02 32.81
C THR C 48 13.54 -4.50 32.82
N LYS C 49 14.64 -4.87 33.48
CA LYS C 49 15.06 -6.27 33.57
C LYS C 49 14.02 -7.13 34.26
N ASP C 50 13.42 -6.61 35.33
CA ASP C 50 12.40 -7.35 36.07
C ASP C 50 11.17 -7.63 35.19
N LEU C 51 10.75 -6.64 34.42
CA LEU C 51 9.60 -6.84 33.54
C LEU C 51 9.95 -7.92 32.53
N ALA C 52 11.12 -7.78 31.92
CA ALA C 52 11.61 -8.73 30.92
C ALA C 52 11.64 -10.15 31.45
N GLU C 53 12.25 -10.34 32.63
CA GLU C 53 12.37 -11.66 33.22
C GLU C 53 11.03 -12.26 33.61
N SER C 54 10.08 -11.40 33.98
CA SER C 54 8.74 -11.87 34.34
C SER C 54 8.02 -12.27 33.06
N HIS C 55 8.13 -11.43 32.04
CA HIS C 55 7.49 -11.70 30.75
C HIS C 55 7.92 -13.06 30.21
N TYR C 56 9.23 -13.33 30.28
CA TYR C 56 9.77 -14.59 29.79
C TYR C 56 10.01 -15.62 30.89
N ALA C 57 9.14 -15.63 31.90
CA ALA C 57 9.26 -16.57 33.00
C ALA C 57 9.34 -18.03 32.54
N GLU C 58 8.55 -18.38 31.52
CA GLU C 58 8.52 -19.74 31.02
C GLU C 58 9.86 -20.22 30.47
N HIS C 59 10.75 -19.28 30.16
CA HIS C 59 12.06 -19.63 29.62
C HIS C 59 13.16 -19.36 30.65
N LYS C 60 12.76 -19.05 31.87
CA LYS C 60 13.70 -18.72 32.95
C LYS C 60 14.88 -19.68 33.13
N GLU C 61 14.68 -20.95 32.79
CA GLU C 61 15.75 -21.93 32.95
C GLU C 61 16.30 -22.44 31.62
N ARG C 62 16.48 -21.54 30.66
CA ARG C 62 17.02 -21.91 29.36
C ARG C 62 18.27 -21.09 29.03
N PRO C 63 19.08 -21.55 28.08
CA PRO C 63 20.31 -20.85 27.68
C PRO C 63 20.05 -19.56 26.92
N PHE C 64 18.91 -19.51 26.22
CA PHE C 64 18.54 -18.33 25.43
C PHE C 64 17.82 -17.26 26.26
N PHE C 65 17.46 -17.61 27.49
CA PHE C 65 16.76 -16.68 28.38
C PHE C 65 17.49 -15.35 28.48
N GLY C 66 18.66 -15.37 29.10
CA GLY C 66 19.45 -14.16 29.27
C GLY C 66 19.51 -13.30 28.02
N GLY C 67 19.61 -13.95 26.86
CA GLY C 67 19.68 -13.22 25.61
C GLY C 67 18.38 -12.49 25.29
N LEU C 68 17.25 -13.13 25.59
CA LEU C 68 15.94 -12.53 25.34
C LEU C 68 15.70 -11.35 26.26
N VAL C 69 16.12 -11.48 27.50
CA VAL C 69 15.95 -10.41 28.47
C VAL C 69 16.78 -9.19 28.06
N SER C 70 18.03 -9.45 27.65
CA SER C 70 18.93 -8.37 27.24
C SER C 70 18.40 -7.60 26.03
N PHE C 71 17.96 -8.31 25.00
CA PHE C 71 17.47 -7.64 23.82
C PHE C 71 16.17 -6.86 24.05
N ILE C 72 15.18 -7.49 24.67
CA ILE C 72 13.92 -6.80 24.89
C ILE C 72 14.09 -5.56 25.76
N THR C 73 15.20 -5.48 26.49
CA THR C 73 15.45 -4.33 27.34
C THR C 73 16.51 -3.42 26.74
N SER C 74 16.92 -3.72 25.51
CA SER C 74 17.96 -2.96 24.83
C SER C 74 17.48 -1.71 24.10
N GLY C 75 16.16 -1.51 24.04
CA GLY C 75 15.64 -0.34 23.36
C GLY C 75 14.16 -0.19 23.56
N PRO C 76 13.55 0.83 22.95
CA PRO C 76 12.10 1.03 23.12
C PRO C 76 11.27 -0.10 22.53
N VAL C 77 10.16 -0.39 23.20
CA VAL C 77 9.22 -1.43 22.77
C VAL C 77 7.85 -0.78 22.75
N VAL C 78 7.01 -1.16 21.80
CA VAL C 78 5.65 -0.62 21.74
C VAL C 78 4.70 -1.74 22.19
N ALA C 79 4.25 -1.64 23.42
CA ALA C 79 3.35 -2.63 24.00
C ALA C 79 1.92 -2.20 23.70
N MET C 80 1.06 -3.18 23.41
CA MET C 80 -0.32 -2.89 23.10
C MET C 80 -1.25 -4.04 23.44
N VAL C 81 -2.54 -3.74 23.48
CA VAL C 81 -3.55 -4.73 23.79
C VAL C 81 -4.71 -4.56 22.81
N PHE C 82 -5.08 -5.66 22.15
CA PHE C 82 -6.18 -5.64 21.20
C PHE C 82 -7.33 -6.52 21.67
N GLU C 83 -8.55 -6.11 21.37
CA GLU C 83 -9.75 -6.83 21.77
C GLU C 83 -10.63 -7.21 20.58
N GLY C 84 -11.16 -8.42 20.62
CA GLY C 84 -12.02 -8.91 19.56
C GLY C 84 -12.21 -10.41 19.69
N LYS C 85 -13.16 -10.97 18.94
CA LYS C 85 -13.42 -12.40 19.00
C LYS C 85 -12.18 -13.19 18.57
N GLY C 86 -11.79 -14.16 19.39
CA GLY C 86 -10.64 -15.00 19.10
C GLY C 86 -9.36 -14.28 18.75
N VAL C 87 -9.18 -13.08 19.30
CA VAL C 87 -8.00 -12.28 19.00
C VAL C 87 -6.65 -12.94 19.32
N VAL C 88 -6.59 -13.74 20.38
CA VAL C 88 -5.32 -14.40 20.74
C VAL C 88 -4.80 -15.30 19.63
N ALA C 89 -5.59 -16.28 19.21
CA ALA C 89 -5.18 -17.18 18.16
C ALA C 89 -5.03 -16.45 16.83
N SER C 90 -5.96 -15.53 16.56
CA SER C 90 -5.92 -14.77 15.32
C SER C 90 -4.64 -13.95 15.21
N ALA C 91 -4.28 -13.24 16.29
CA ALA C 91 -3.08 -12.42 16.29
C ALA C 91 -1.83 -13.24 16.01
N ARG C 92 -1.79 -14.46 16.54
CA ARG C 92 -0.64 -15.35 16.35
C ARG C 92 -0.57 -15.74 14.87
N LEU C 93 -1.72 -16.05 14.30
CA LEU C 93 -1.82 -16.42 12.90
C LEU C 93 -1.29 -15.28 12.04
N MET C 94 -1.69 -14.06 12.38
CA MET C 94 -1.25 -12.88 11.64
C MET C 94 0.26 -12.62 11.79
N ILE C 95 0.85 -13.11 12.88
CA ILE C 95 2.28 -12.92 13.12
C ILE C 95 3.13 -13.91 12.32
N GLY C 96 2.69 -15.16 12.28
CA GLY C 96 3.42 -16.20 11.57
C GLY C 96 3.89 -17.23 12.56
N VAL C 97 5.10 -17.74 12.38
CA VAL C 97 5.64 -18.73 13.32
C VAL C 97 6.97 -18.24 13.87
N THR C 98 7.46 -18.91 14.92
CA THR C 98 8.71 -18.52 15.56
C THR C 98 9.80 -18.12 14.57
N ASN C 99 10.05 -18.98 13.59
CA ASN C 99 11.06 -18.70 12.58
C ASN C 99 10.48 -17.92 11.42
N PRO C 100 10.85 -16.63 11.30
CA PRO C 100 10.35 -15.78 10.21
C PRO C 100 10.57 -16.36 8.80
N LEU C 101 11.69 -17.04 8.60
CA LEU C 101 12.00 -17.63 7.30
C LEU C 101 10.96 -18.70 6.94
N ALA C 102 10.42 -19.36 7.96
CA ALA C 102 9.42 -20.40 7.75
C ALA C 102 8.00 -19.85 7.81
N SER C 103 7.88 -18.54 7.98
CA SER C 103 6.57 -17.90 8.04
C SER C 103 6.08 -17.56 6.63
N ALA C 104 4.83 -17.90 6.33
CA ALA C 104 4.28 -17.65 5.01
C ALA C 104 4.15 -16.16 4.66
N PRO C 105 4.27 -15.82 3.37
CA PRO C 105 4.16 -14.43 2.94
C PRO C 105 2.75 -13.96 3.32
N GLY C 106 2.62 -12.71 3.75
CA GLY C 106 1.32 -12.23 4.16
C GLY C 106 1.27 -12.03 5.66
N SER C 107 2.10 -12.80 6.38
CA SER C 107 2.17 -12.70 7.84
C SER C 107 3.24 -11.66 8.15
N ILE C 108 3.18 -11.09 9.35
CA ILE C 108 4.15 -10.08 9.75
C ILE C 108 5.59 -10.58 9.64
N ARG C 109 5.89 -11.70 10.28
CA ARG C 109 7.24 -12.26 10.24
C ARG C 109 7.60 -12.77 8.86
N GLY C 110 6.62 -13.31 8.15
CA GLY C 110 6.86 -13.81 6.82
C GLY C 110 7.26 -12.70 5.87
N ASP C 111 6.67 -11.52 6.05
CA ASP C 111 6.97 -10.37 5.21
C ASP C 111 8.16 -9.52 5.63
N PHE C 112 8.47 -9.48 6.92
CA PHE C 112 9.53 -8.60 7.40
C PHE C 112 10.74 -9.19 8.13
N GLY C 113 10.68 -10.45 8.50
CA GLY C 113 11.80 -11.03 9.24
C GLY C 113 12.61 -12.11 8.59
N VAL C 114 13.84 -12.28 9.07
CA VAL C 114 14.74 -13.30 8.54
C VAL C 114 15.50 -14.06 9.62
N ASP C 115 15.42 -13.61 10.87
CA ASP C 115 16.13 -14.27 11.97
C ASP C 115 15.21 -14.51 13.16
N VAL C 116 15.21 -15.75 13.67
CA VAL C 116 14.37 -16.10 14.81
C VAL C 116 14.70 -15.22 16.02
N GLY C 117 15.96 -14.78 16.11
CA GLY C 117 16.38 -13.93 17.20
C GLY C 117 15.96 -12.48 17.06
N ARG C 118 15.43 -12.14 15.89
CA ARG C 118 14.97 -10.79 15.60
C ARG C 118 13.66 -10.99 14.84
N ASN C 119 12.67 -11.57 15.52
CA ASN C 119 11.39 -11.84 14.88
C ASN C 119 10.33 -10.74 15.00
N ILE C 120 10.79 -9.52 15.22
CA ILE C 120 9.90 -8.36 15.22
C ILE C 120 8.82 -8.13 16.29
N ILE C 121 7.99 -9.12 16.53
CA ILE C 121 6.87 -8.94 17.45
C ILE C 121 6.56 -10.10 18.38
N HIS C 122 5.94 -9.79 19.51
CA HIS C 122 5.52 -10.80 20.48
C HIS C 122 4.01 -10.79 20.56
N GLY C 123 3.41 -11.97 20.64
CA GLY C 123 1.98 -12.09 20.76
C GLY C 123 1.68 -13.17 21.80
N SER C 124 0.63 -12.98 22.60
CA SER C 124 0.27 -13.96 23.62
C SER C 124 -0.05 -15.30 22.96
N ASP C 125 0.39 -16.41 23.56
CA ASP C 125 0.14 -17.72 22.98
C ASP C 125 -1.16 -18.37 23.45
N SER C 126 -1.87 -17.74 24.38
CA SER C 126 -3.13 -18.27 24.88
C SER C 126 -3.82 -17.22 25.76
N VAL C 127 -5.11 -17.42 26.00
CA VAL C 127 -5.88 -16.49 26.84
C VAL C 127 -5.24 -16.42 28.24
N GLU C 128 -4.82 -17.57 28.75
CA GLU C 128 -4.19 -17.63 30.06
C GLU C 128 -3.00 -16.68 30.14
N SER C 129 -2.05 -16.83 29.23
CA SER C 129 -0.88 -15.97 29.22
C SER C 129 -1.23 -14.54 28.83
N ALA C 130 -2.28 -14.37 28.02
CA ALA C 130 -2.69 -13.04 27.61
C ALA C 130 -3.13 -12.26 28.85
N ASN C 131 -4.03 -12.86 29.64
CA ASN C 131 -4.50 -12.20 30.85
C ASN C 131 -3.35 -11.89 31.79
N ARG C 132 -2.33 -12.74 31.77
CA ARG C 132 -1.15 -12.54 32.62
C ARG C 132 -0.27 -11.42 32.09
N GLU C 133 0.04 -11.46 30.80
CA GLU C 133 0.89 -10.44 30.18
C GLU C 133 0.27 -9.04 30.24
N ILE C 134 -1.03 -8.96 30.03
CA ILE C 134 -1.72 -7.67 30.07
C ILE C 134 -1.56 -7.05 31.46
N ALA C 135 -1.82 -7.84 32.50
CA ALA C 135 -1.70 -7.36 33.87
C ALA C 135 -0.27 -7.03 34.25
N LEU C 136 0.68 -7.68 33.59
CA LEU C 136 2.09 -7.44 33.87
C LEU C 136 2.54 -6.11 33.25
N TRP C 137 2.23 -5.93 31.97
CA TRP C 137 2.63 -4.72 31.23
C TRP C 137 1.77 -3.47 31.41
N PHE C 138 0.48 -3.62 31.65
CA PHE C 138 -0.40 -2.47 31.80
C PHE C 138 -1.09 -2.33 33.14
N LYS C 139 -1.36 -1.09 33.52
CA LYS C 139 -2.07 -0.80 34.76
C LYS C 139 -3.53 -0.69 34.33
N PRO C 140 -4.47 -0.98 35.24
CA PRO C 140 -5.90 -0.91 34.91
C PRO C 140 -6.32 0.36 34.16
N GLU C 141 -5.96 1.51 34.72
CA GLU C 141 -6.32 2.79 34.14
C GLU C 141 -5.79 3.03 32.72
N GLU C 142 -4.86 2.20 32.26
CA GLU C 142 -4.31 2.35 30.92
C GLU C 142 -5.10 1.58 29.86
N LEU C 143 -6.13 0.84 30.30
CA LEU C 143 -6.94 0.05 29.38
C LEU C 143 -8.37 0.58 29.27
N LEU C 144 -8.86 0.68 28.04
CA LEU C 144 -10.22 1.17 27.85
C LEU C 144 -11.21 0.29 28.62
N THR C 145 -12.28 0.92 29.08
CA THR C 145 -13.33 0.24 29.82
C THR C 145 -14.50 -0.01 28.87
N GLU C 146 -14.74 0.96 27.99
CA GLU C 146 -15.82 0.87 27.03
C GLU C 146 -15.26 0.70 25.61
N VAL C 147 -15.72 -0.34 24.92
CA VAL C 147 -15.23 -0.59 23.57
C VAL C 147 -16.34 -0.47 22.53
N LYS C 148 -17.24 -1.44 22.50
CA LYS C 148 -18.33 -1.44 21.52
C LYS C 148 -17.78 -1.13 20.13
N PRO C 149 -17.27 -2.16 19.43
CA PRO C 149 -16.70 -2.00 18.09
C PRO C 149 -17.73 -1.81 16.97
N ASN C 150 -17.23 -1.70 15.74
CA ASN C 150 -18.07 -1.51 14.56
C ASN C 150 -19.12 -2.62 14.43
N PRO C 151 -20.40 -2.24 14.27
CA PRO C 151 -21.50 -3.21 14.13
C PRO C 151 -21.44 -4.00 12.83
N ASN C 152 -20.50 -3.63 11.95
CA ASN C 152 -20.33 -4.31 10.69
C ASN C 152 -19.35 -5.47 10.86
N LEU C 153 -18.77 -5.57 12.05
CA LEU C 153 -17.79 -6.63 12.33
C LEU C 153 -18.38 -7.87 13.00
N TYR C 154 -19.44 -7.70 13.79
CA TYR C 154 -20.06 -8.82 14.49
C TYR C 154 -21.56 -8.98 14.26
N GLU C 155 -21.99 -10.23 14.06
CA GLU C 155 -23.40 -10.55 13.83
C GLU C 155 -24.21 -10.42 15.12
N VAL D 6 24.34 -19.54 7.57
CA VAL D 6 25.15 -18.37 7.14
C VAL D 6 24.27 -17.23 6.64
N ASN D 7 24.56 -16.02 7.11
CA ASN D 7 23.80 -14.84 6.74
C ASN D 7 24.26 -14.22 5.43
N LYS D 8 25.21 -14.85 4.76
CA LYS D 8 25.71 -14.31 3.50
C LYS D 8 25.32 -15.13 2.28
N GLU D 9 24.38 -16.05 2.46
CA GLU D 9 23.88 -16.89 1.37
C GLU D 9 23.28 -15.95 0.30
N ARG D 10 23.40 -16.34 -0.97
CA ARG D 10 22.86 -15.52 -2.06
C ARG D 10 21.95 -16.30 -3.00
N THR D 11 21.02 -15.61 -3.63
CA THR D 11 20.12 -16.24 -4.58
C THR D 11 19.90 -15.34 -5.78
N PHE D 12 19.70 -15.96 -6.94
CA PHE D 12 19.46 -15.21 -8.16
C PHE D 12 17.96 -15.17 -8.42
N LEU D 13 17.46 -13.98 -8.72
CA LEU D 13 16.04 -13.78 -9.01
C LEU D 13 15.94 -12.98 -10.30
N ALA D 14 15.00 -13.35 -11.16
CA ALA D 14 14.80 -12.64 -12.41
C ALA D 14 13.33 -12.38 -12.67
N VAL D 15 12.99 -11.11 -12.90
CA VAL D 15 11.63 -10.76 -13.23
C VAL D 15 11.60 -11.04 -14.72
N LYS D 16 10.87 -12.08 -15.11
CA LYS D 16 10.78 -12.46 -16.51
C LYS D 16 10.01 -11.43 -17.35
N PRO D 17 10.11 -11.53 -18.70
CA PRO D 17 9.43 -10.60 -19.61
C PRO D 17 8.00 -10.19 -19.24
N ASP D 18 7.17 -11.16 -18.87
CA ASP D 18 5.81 -10.85 -18.51
C ASP D 18 5.75 -9.99 -17.25
N GLY D 19 6.63 -10.28 -16.29
CA GLY D 19 6.67 -9.51 -15.06
C GLY D 19 7.03 -8.05 -15.31
N VAL D 20 8.04 -7.84 -16.15
CA VAL D 20 8.49 -6.50 -16.49
C VAL D 20 7.45 -5.73 -17.28
N ALA D 21 6.82 -6.39 -18.26
CA ALA D 21 5.82 -5.75 -19.09
C ALA D 21 4.57 -5.34 -18.29
N ARG D 22 4.30 -6.05 -17.20
CA ARG D 22 3.14 -5.77 -16.37
C ARG D 22 3.45 -4.81 -15.22
N GLY D 23 4.64 -4.23 -15.25
CA GLY D 23 5.06 -3.25 -14.24
C GLY D 23 5.14 -3.76 -12.81
N LEU D 24 5.69 -4.96 -12.63
CA LEU D 24 5.80 -5.55 -11.30
C LEU D 24 7.23 -5.55 -10.76
N VAL D 25 8.15 -4.90 -11.48
CA VAL D 25 9.54 -4.87 -11.03
C VAL D 25 9.73 -4.26 -9.64
N GLY D 26 9.17 -3.06 -9.44
CA GLY D 26 9.31 -2.40 -8.15
C GLY D 26 8.66 -3.16 -7.01
N GLU D 27 7.44 -3.63 -7.26
CA GLU D 27 6.69 -4.38 -6.26
C GLU D 27 7.49 -5.59 -5.79
N ILE D 28 8.08 -6.32 -6.73
CA ILE D 28 8.88 -7.50 -6.40
C ILE D 28 10.15 -7.14 -5.63
N ILE D 29 10.88 -6.14 -6.12
CA ILE D 29 12.09 -5.72 -5.44
C ILE D 29 11.77 -5.27 -4.02
N ALA D 30 10.67 -4.53 -3.86
CA ALA D 30 10.27 -4.03 -2.55
C ALA D 30 9.95 -5.15 -1.56
N ARG D 31 9.35 -6.24 -2.02
CA ARG D 31 9.02 -7.34 -1.12
C ARG D 31 10.26 -7.95 -0.50
N TYR D 32 11.31 -8.08 -1.30
CA TYR D 32 12.55 -8.64 -0.79
C TYR D 32 13.31 -7.64 0.07
N GLU D 33 13.14 -6.34 -0.19
CA GLU D 33 13.79 -5.31 0.63
C GLU D 33 13.11 -5.27 2.00
N LYS D 34 11.79 -5.32 2.02
CA LYS D 34 11.04 -5.28 3.27
C LYS D 34 11.35 -6.50 4.14
N LYS D 35 11.63 -7.62 3.48
CA LYS D 35 11.95 -8.87 4.16
C LYS D 35 13.25 -8.74 4.96
N GLY D 36 14.18 -7.95 4.42
CA GLY D 36 15.45 -7.76 5.11
C GLY D 36 16.63 -8.22 4.27
N PHE D 37 16.35 -8.75 3.08
CA PHE D 37 17.43 -9.21 2.20
C PHE D 37 18.08 -7.99 1.52
N VAL D 38 19.37 -8.12 1.23
CA VAL D 38 20.10 -7.02 0.62
C VAL D 38 20.38 -7.27 -0.86
N LEU D 39 20.20 -6.23 -1.66
CA LEU D 39 20.42 -6.30 -3.10
C LEU D 39 21.92 -6.20 -3.36
N VAL D 40 22.51 -7.28 -3.87
CA VAL D 40 23.94 -7.30 -4.15
C VAL D 40 24.25 -7.18 -5.64
N GLY D 41 23.21 -7.27 -6.46
CA GLY D 41 23.37 -7.16 -7.90
C GLY D 41 22.03 -6.82 -8.54
N LEU D 42 22.04 -5.95 -9.55
CA LEU D 42 20.79 -5.58 -10.20
C LEU D 42 21.02 -4.94 -11.57
N LYS D 43 20.21 -5.35 -12.55
CA LYS D 43 20.33 -4.81 -13.90
C LYS D 43 19.21 -5.31 -14.81
N GLN D 44 18.91 -4.53 -15.84
CA GLN D 44 17.91 -4.94 -16.81
C GLN D 44 18.66 -5.26 -18.09
N LEU D 45 18.24 -6.33 -18.76
CA LEU D 45 18.87 -6.73 -20.00
C LEU D 45 17.89 -7.58 -20.78
N VAL D 46 18.20 -7.78 -22.07
CA VAL D 46 17.39 -8.63 -22.92
C VAL D 46 18.32 -9.84 -23.11
N PRO D 47 18.03 -10.94 -22.41
CA PRO D 47 18.81 -12.18 -22.48
C PRO D 47 19.13 -12.61 -23.90
N THR D 48 20.39 -13.00 -24.12
CA THR D 48 20.81 -13.46 -25.43
C THR D 48 20.38 -14.93 -25.49
N LYS D 49 20.29 -15.49 -26.68
CA LYS D 49 19.88 -16.88 -26.80
C LYS D 49 20.83 -17.80 -26.03
N ASP D 50 22.13 -17.55 -26.12
CA ASP D 50 23.11 -18.37 -25.42
C ASP D 50 22.86 -18.36 -23.92
N LEU D 51 22.71 -17.17 -23.37
CA LEU D 51 22.46 -17.00 -21.94
C LEU D 51 21.23 -17.81 -21.53
N ALA D 52 20.15 -17.65 -22.29
CA ALA D 52 18.90 -18.35 -22.01
C ALA D 52 19.08 -19.87 -22.03
N GLU D 53 19.75 -20.38 -23.06
CA GLU D 53 19.95 -21.81 -23.17
C GLU D 53 20.79 -22.34 -22.02
N SER D 54 21.75 -21.55 -21.55
CA SER D 54 22.58 -21.98 -20.43
C SER D 54 21.73 -21.98 -19.15
N HIS D 55 20.90 -20.95 -19.00
CA HIS D 55 20.04 -20.84 -17.83
C HIS D 55 19.14 -22.06 -17.67
N TYR D 56 18.49 -22.46 -18.75
CA TYR D 56 17.58 -23.61 -18.75
C TYR D 56 18.25 -24.92 -19.19
N ALA D 57 19.58 -24.92 -19.26
CA ALA D 57 20.34 -26.10 -19.69
C ALA D 57 19.79 -27.44 -19.22
N GLU D 58 19.33 -27.51 -17.97
CA GLU D 58 18.79 -28.75 -17.44
C GLU D 58 17.53 -29.22 -18.17
N HIS D 59 17.01 -28.38 -19.06
CA HIS D 59 15.80 -28.73 -19.81
C HIS D 59 16.05 -28.79 -21.31
N LYS D 60 17.32 -28.74 -21.71
CA LYS D 60 17.66 -28.76 -23.14
C LYS D 60 17.09 -29.95 -23.90
N GLU D 61 16.99 -31.09 -23.23
CA GLU D 61 16.46 -32.30 -23.86
C GLU D 61 14.94 -32.36 -23.81
N ARG D 62 14.33 -31.51 -22.98
CA ARG D 62 12.88 -31.50 -22.83
C ARG D 62 12.19 -30.74 -23.97
N PRO D 63 10.95 -31.13 -24.29
CA PRO D 63 10.12 -30.54 -25.35
C PRO D 63 9.86 -29.04 -25.24
N PHE D 64 9.61 -28.56 -24.02
CA PHE D 64 9.31 -27.15 -23.78
C PHE D 64 10.54 -26.24 -23.73
N PHE D 65 11.72 -26.83 -23.84
CA PHE D 65 12.97 -26.07 -23.79
C PHE D 65 12.92 -24.86 -24.73
N GLY D 66 12.68 -25.12 -26.02
CA GLY D 66 12.61 -24.04 -26.99
C GLY D 66 11.67 -22.92 -26.58
N GLY D 67 10.54 -23.28 -25.98
CA GLY D 67 9.57 -22.30 -25.54
C GLY D 67 10.10 -21.37 -24.47
N LEU D 68 10.69 -21.95 -23.42
CA LEU D 68 11.23 -21.18 -22.32
C LEU D 68 12.29 -20.20 -22.83
N VAL D 69 13.18 -20.70 -23.68
CA VAL D 69 14.24 -19.90 -24.25
C VAL D 69 13.67 -18.75 -25.08
N SER D 70 12.72 -19.06 -25.95
CA SER D 70 12.11 -18.05 -26.80
C SER D 70 11.41 -16.97 -25.97
N PHE D 71 10.82 -17.35 -24.85
CA PHE D 71 10.13 -16.36 -24.03
C PHE D 71 11.04 -15.46 -23.23
N ILE D 72 11.97 -16.05 -22.48
CA ILE D 72 12.86 -15.25 -21.66
C ILE D 72 13.71 -14.29 -22.49
N THR D 73 13.78 -14.53 -23.80
CA THR D 73 14.54 -13.66 -24.69
C THR D 73 13.64 -12.76 -25.53
N SER D 74 12.33 -12.82 -25.28
CA SER D 74 11.35 -12.04 -26.04
C SER D 74 11.29 -10.56 -25.65
N GLY D 75 11.91 -10.21 -24.53
CA GLY D 75 11.88 -8.82 -24.11
C GLY D 75 12.76 -8.58 -22.90
N PRO D 76 12.74 -7.37 -22.33
CA PRO D 76 13.55 -7.05 -21.17
C PRO D 76 13.30 -7.92 -19.94
N VAL D 77 14.37 -8.18 -19.21
CA VAL D 77 14.35 -8.99 -18.00
C VAL D 77 15.12 -8.22 -16.93
N VAL D 78 14.62 -8.21 -15.70
CA VAL D 78 15.32 -7.53 -14.63
C VAL D 78 15.95 -8.59 -13.74
N ALA D 79 17.28 -8.70 -13.82
CA ALA D 79 18.05 -9.67 -13.08
C ALA D 79 18.55 -9.08 -11.76
N MET D 80 18.60 -9.90 -10.72
CA MET D 80 19.06 -9.43 -9.42
C MET D 80 19.56 -10.56 -8.53
N VAL D 81 20.34 -10.19 -7.53
CA VAL D 81 20.88 -11.15 -6.58
C VAL D 81 20.65 -10.61 -5.18
N PHE D 82 20.02 -11.41 -4.34
CA PHE D 82 19.76 -11.00 -2.96
C PHE D 82 20.57 -11.83 -1.98
N GLU D 83 20.99 -11.20 -0.89
CA GLU D 83 21.79 -11.88 0.13
C GLU D 83 21.18 -11.76 1.52
N GLY D 84 21.22 -12.88 2.25
CA GLY D 84 20.67 -12.92 3.59
C GLY D 84 20.50 -14.35 4.02
N LYS D 85 20.25 -14.57 5.31
CA LYS D 85 20.10 -15.93 5.83
C LYS D 85 18.97 -16.69 5.15
N GLY D 86 19.28 -17.90 4.70
CA GLY D 86 18.30 -18.74 4.02
C GLY D 86 17.54 -18.07 2.90
N VAL D 87 18.17 -17.14 2.21
CA VAL D 87 17.52 -16.41 1.13
C VAL D 87 17.02 -17.27 -0.04
N VAL D 88 17.74 -18.34 -0.38
CA VAL D 88 17.31 -19.19 -1.48
C VAL D 88 15.95 -19.82 -1.24
N ALA D 89 15.80 -20.47 -0.09
CA ALA D 89 14.53 -21.12 0.23
C ALA D 89 13.46 -20.08 0.49
N SER D 90 13.81 -19.05 1.26
CA SER D 90 12.86 -18.00 1.60
C SER D 90 12.32 -17.31 0.36
N ALA D 91 13.21 -17.01 -0.59
CA ALA D 91 12.80 -16.34 -1.82
C ALA D 91 11.73 -17.10 -2.60
N ARG D 92 11.85 -18.43 -2.66
CA ARG D 92 10.85 -19.18 -3.38
C ARG D 92 9.54 -19.33 -2.59
N LEU D 93 9.63 -19.29 -1.26
CA LEU D 93 8.44 -19.36 -0.42
C LEU D 93 7.65 -18.07 -0.64
N MET D 94 8.39 -16.99 -0.87
CA MET D 94 7.77 -15.68 -1.10
C MET D 94 7.16 -15.62 -2.50
N ILE D 95 7.67 -16.45 -3.40
CA ILE D 95 7.20 -16.51 -4.78
C ILE D 95 5.91 -17.34 -4.87
N GLY D 96 5.88 -18.44 -4.13
CA GLY D 96 4.73 -19.32 -4.14
C GLY D 96 5.14 -20.63 -4.80
N VAL D 97 4.23 -21.19 -5.60
CA VAL D 97 4.52 -22.44 -6.30
C VAL D 97 4.54 -22.19 -7.81
N THR D 98 4.98 -23.20 -8.56
CA THR D 98 5.08 -23.07 -10.01
C THR D 98 3.78 -22.54 -10.64
N ASN D 99 2.64 -23.07 -10.20
CA ASN D 99 1.34 -22.64 -10.70
C ASN D 99 0.82 -21.47 -9.87
N PRO D 100 0.79 -20.26 -10.44
CA PRO D 100 0.29 -19.12 -9.67
C PRO D 100 -1.15 -19.25 -9.20
N LEU D 101 -1.95 -20.06 -9.88
CA LEU D 101 -3.34 -20.24 -9.49
C LEU D 101 -3.46 -21.02 -8.19
N ALA D 102 -2.48 -21.89 -7.95
CA ALA D 102 -2.45 -22.69 -6.74
C ALA D 102 -1.63 -22.02 -5.63
N SER D 103 -1.08 -20.85 -5.93
CA SER D 103 -0.28 -20.13 -4.95
C SER D 103 -1.21 -19.33 -4.04
N ALA D 104 -0.88 -19.29 -2.76
CA ALA D 104 -1.69 -18.59 -1.78
C ALA D 104 -1.54 -17.08 -1.83
N PRO D 105 -2.61 -16.36 -1.49
CA PRO D 105 -2.57 -14.91 -1.50
C PRO D 105 -1.45 -14.55 -0.54
N GLY D 106 -0.70 -13.50 -0.83
CA GLY D 106 0.39 -13.12 0.04
C GLY D 106 1.69 -13.39 -0.70
N SER D 107 1.69 -14.43 -1.53
CA SER D 107 2.88 -14.78 -2.32
C SER D 107 2.82 -13.97 -3.62
N ILE D 108 3.96 -13.83 -4.29
CA ILE D 108 4.01 -13.06 -5.52
C ILE D 108 3.11 -13.61 -6.63
N ARG D 109 3.21 -14.90 -6.89
CA ARG D 109 2.39 -15.51 -7.93
C ARG D 109 0.95 -15.62 -7.47
N GLY D 110 0.76 -15.77 -6.16
CA GLY D 110 -0.58 -15.87 -5.63
C GLY D 110 -1.33 -14.56 -5.82
N ASP D 111 -0.60 -13.45 -5.69
CA ASP D 111 -1.21 -12.12 -5.83
C ASP D 111 -1.25 -11.57 -7.26
N PHE D 112 -0.32 -12.00 -8.11
CA PHE D 112 -0.24 -11.45 -9.47
C PHE D 112 -0.35 -12.37 -10.69
N GLY D 113 -0.26 -13.68 -10.51
CA GLY D 113 -0.32 -14.55 -11.68
C GLY D 113 -1.54 -15.44 -11.86
N VAL D 114 -1.75 -15.88 -13.10
CA VAL D 114 -2.87 -16.75 -13.42
C VAL D 114 -2.53 -17.86 -14.42
N ASP D 115 -1.28 -17.90 -14.89
CA ASP D 115 -0.87 -18.92 -15.85
C ASP D 115 0.54 -19.42 -15.54
N VAL D 116 0.71 -20.74 -15.45
CA VAL D 116 2.02 -21.30 -15.15
C VAL D 116 3.04 -20.95 -16.23
N GLY D 117 2.55 -20.70 -17.44
CA GLY D 117 3.42 -20.34 -18.55
C GLY D 117 3.86 -18.89 -18.51
N ARG D 118 3.22 -18.12 -17.64
CA ARG D 118 3.54 -16.70 -17.46
C ARG D 118 3.51 -16.48 -15.95
N ASN D 119 4.46 -17.11 -15.25
CA ASN D 119 4.49 -16.99 -13.80
C ASN D 119 5.35 -15.88 -13.22
N ILE D 120 5.56 -14.84 -14.02
CA ILE D 120 6.25 -13.63 -13.58
C ILE D 120 7.71 -13.59 -13.18
N ILE D 121 8.11 -14.51 -12.30
CA ILE D 121 9.46 -14.49 -11.75
C ILE D 121 10.15 -15.84 -11.64
N HIS D 122 11.48 -15.79 -11.57
CA HIS D 122 12.30 -16.98 -11.41
C HIS D 122 13.16 -16.80 -10.18
N GLY D 123 13.28 -17.86 -9.40
CA GLY D 123 14.12 -17.82 -8.21
C GLY D 123 14.98 -19.08 -8.24
N SER D 124 16.23 -19.00 -7.82
CA SER D 124 17.10 -20.18 -7.81
C SER D 124 16.44 -21.29 -6.98
N ASP D 125 16.48 -22.52 -7.49
CA ASP D 125 15.88 -23.65 -6.77
C ASP D 125 16.75 -24.23 -5.66
N SER D 126 17.99 -23.74 -5.56
CA SER D 126 18.91 -24.24 -4.54
C SER D 126 20.19 -23.40 -4.52
N VAL D 127 20.96 -23.53 -3.45
CA VAL D 127 22.22 -22.81 -3.33
C VAL D 127 23.13 -23.15 -4.51
N GLU D 128 23.16 -24.43 -4.86
CA GLU D 128 23.99 -24.87 -5.98
C GLU D 128 23.58 -24.16 -7.28
N SER D 129 22.29 -24.18 -7.60
CA SER D 129 21.81 -23.52 -8.81
C SER D 129 21.99 -22.01 -8.68
N ALA D 130 21.84 -21.50 -7.46
CA ALA D 130 22.00 -20.08 -7.20
C ALA D 130 23.42 -19.63 -7.57
N ASN D 131 24.43 -20.32 -7.02
CA ASN D 131 25.81 -19.96 -7.30
C ASN D 131 26.10 -20.04 -8.80
N ARG D 132 25.48 -21.01 -9.45
CA ARG D 132 25.65 -21.21 -10.89
C ARG D 132 25.00 -20.10 -11.72
N GLU D 133 23.78 -19.73 -11.37
CA GLU D 133 23.07 -18.69 -12.10
C GLU D 133 23.68 -17.32 -11.88
N ILE D 134 24.15 -17.05 -10.68
CA ILE D 134 24.76 -15.76 -10.38
C ILE D 134 25.98 -15.53 -11.27
N ALA D 135 26.84 -16.55 -11.35
CA ALA D 135 28.04 -16.46 -12.17
C ALA D 135 27.69 -16.36 -13.65
N LEU D 136 26.52 -16.88 -14.02
CA LEU D 136 26.08 -16.86 -15.40
C LEU D 136 25.54 -15.49 -15.80
N TRP D 137 24.60 -14.97 -15.01
CA TRP D 137 23.96 -13.69 -15.28
C TRP D 137 24.77 -12.44 -14.92
N PHE D 138 25.61 -12.54 -13.90
CA PHE D 138 26.40 -11.39 -13.47
C PHE D 138 27.90 -11.58 -13.55
N LYS D 139 28.60 -10.47 -13.78
CA LYS D 139 30.05 -10.48 -13.82
C LYS D 139 30.44 -10.10 -12.41
N PRO D 140 31.59 -10.62 -11.91
CA PRO D 140 32.03 -10.31 -10.55
C PRO D 140 32.00 -8.83 -10.18
N GLU D 141 32.33 -7.94 -11.11
CA GLU D 141 32.34 -6.51 -10.83
C GLU D 141 30.95 -5.90 -10.66
N GLU D 142 29.91 -6.65 -11.00
CA GLU D 142 28.54 -6.16 -10.88
C GLU D 142 27.88 -6.58 -9.58
N LEU D 143 28.65 -7.25 -8.71
CA LEU D 143 28.14 -7.73 -7.43
C LEU D 143 28.87 -7.07 -6.27
N LEU D 144 28.10 -6.61 -5.29
CA LEU D 144 28.71 -5.96 -4.13
C LEU D 144 29.65 -6.91 -3.39
N THR D 145 30.71 -6.35 -2.82
CA THR D 145 31.69 -7.13 -2.06
C THR D 145 31.52 -6.77 -0.59
N GLU D 146 30.97 -5.59 -0.34
CA GLU D 146 30.74 -5.11 1.01
C GLU D 146 29.22 -4.98 1.15
N VAL D 147 28.62 -5.84 1.98
CA VAL D 147 27.16 -5.82 2.15
C VAL D 147 26.67 -5.19 3.44
N LYS D 148 26.59 -5.98 4.51
CA LYS D 148 26.10 -5.50 5.80
C LYS D 148 24.65 -5.00 5.72
N PRO D 149 23.70 -5.83 6.18
CA PRO D 149 22.28 -5.51 6.18
C PRO D 149 21.89 -4.67 7.41
N ASN D 150 20.60 -4.34 7.52
CA ASN D 150 20.12 -3.57 8.65
C ASN D 150 20.62 -4.28 9.92
N PRO D 151 21.26 -3.54 10.83
CA PRO D 151 21.79 -4.14 12.07
C PRO D 151 20.72 -4.70 13.01
N ASN D 152 19.46 -4.46 12.69
CA ASN D 152 18.35 -4.94 13.52
C ASN D 152 17.75 -6.23 12.95
N LEU D 153 18.39 -6.79 11.93
CA LEU D 153 17.89 -8.01 11.29
C LEU D 153 18.47 -9.30 11.83
N TYR D 154 19.75 -9.29 12.19
CA TYR D 154 20.42 -10.49 12.67
C TYR D 154 20.91 -10.40 14.10
N GLU D 155 20.71 -11.50 14.82
CA GLU D 155 21.15 -11.62 16.20
C GLU D 155 22.67 -11.72 16.21
N VAL E 6 -24.16 21.24 2.88
CA VAL E 6 -24.90 19.95 2.88
C VAL E 6 -23.98 18.78 2.55
N ASN E 7 -24.08 17.73 3.36
CA ASN E 7 -23.25 16.54 3.15
C ASN E 7 -23.97 15.55 2.23
N LYS E 8 -24.97 16.05 1.53
CA LYS E 8 -25.74 15.22 0.60
C LYS E 8 -25.29 15.53 -0.83
N GLU E 9 -24.28 16.38 -0.96
CA GLU E 9 -23.77 16.73 -2.28
C GLU E 9 -23.28 15.46 -2.98
N ARG E 10 -23.45 15.42 -4.30
CA ARG E 10 -23.02 14.26 -5.09
C ARG E 10 -22.27 14.69 -6.35
N THR E 11 -21.38 13.82 -6.81
CA THR E 11 -20.60 14.10 -8.02
C THR E 11 -20.54 12.83 -8.86
N PHE E 12 -20.42 13.01 -10.18
CA PHE E 12 -20.33 11.87 -11.07
C PHE E 12 -18.86 11.63 -11.40
N LEU E 13 -18.41 10.38 -11.24
CA LEU E 13 -17.04 10.01 -11.55
C LEU E 13 -17.09 8.84 -12.51
N ALA E 14 -16.15 8.79 -13.45
CA ALA E 14 -16.10 7.71 -14.40
C ALA E 14 -14.66 7.33 -14.75
N VAL E 15 -14.35 6.05 -14.58
CA VAL E 15 -13.01 5.55 -14.92
C VAL E 15 -13.13 5.23 -16.40
N LYS E 16 -12.51 6.05 -17.23
CA LYS E 16 -12.55 5.88 -18.68
C LYS E 16 -11.89 4.57 -19.11
N PRO E 17 -12.09 4.15 -20.38
CA PRO E 17 -11.51 2.91 -20.89
C PRO E 17 -10.04 2.64 -20.61
N ASP E 18 -9.22 3.69 -20.62
CA ASP E 18 -7.80 3.52 -20.36
C ASP E 18 -7.58 3.16 -18.90
N GLY E 19 -8.35 3.78 -18.01
CA GLY E 19 -8.22 3.49 -16.60
C GLY E 19 -8.67 2.07 -16.29
N VAL E 20 -9.72 1.61 -16.97
CA VAL E 20 -10.22 0.26 -16.76
C VAL E 20 -9.21 -0.74 -17.32
N ALA E 21 -8.72 -0.46 -18.54
CA ALA E 21 -7.76 -1.34 -19.20
C ALA E 21 -6.48 -1.51 -18.39
N ARG E 22 -6.10 -0.46 -17.67
CA ARG E 22 -4.89 -0.50 -16.86
C ARG E 22 -5.09 -1.05 -15.45
N GLY E 23 -6.30 -1.55 -15.18
CA GLY E 23 -6.60 -2.12 -13.87
C GLY E 23 -6.48 -1.15 -12.71
N LEU E 24 -7.10 0.02 -12.88
CA LEU E 24 -7.05 1.05 -11.84
C LEU E 24 -8.42 1.32 -11.21
N VAL E 25 -9.42 0.50 -11.52
CA VAL E 25 -10.76 0.70 -10.97
C VAL E 25 -10.80 0.63 -9.44
N GLY E 26 -10.29 -0.46 -8.88
CA GLY E 26 -10.28 -0.63 -7.44
C GLY E 26 -9.49 0.43 -6.70
N GLU E 27 -8.31 0.77 -7.24
CA GLU E 27 -7.44 1.78 -6.66
C GLU E 27 -8.18 3.11 -6.53
N ILE E 28 -8.89 3.49 -7.60
CA ILE E 28 -9.63 4.74 -7.62
C ILE E 28 -10.78 4.68 -6.62
N ILE E 29 -11.59 3.62 -6.71
CA ILE E 29 -12.71 3.47 -5.79
C ILE E 29 -12.24 3.55 -4.34
N ALA E 30 -11.15 2.83 -4.03
CA ALA E 30 -10.59 2.81 -2.68
C ALA E 30 -10.25 4.20 -2.16
N ARG E 31 -9.59 5.01 -2.98
CA ARG E 31 -9.20 6.36 -2.59
C ARG E 31 -10.38 7.18 -2.09
N TYR E 32 -11.50 7.11 -2.81
CA TYR E 32 -12.69 7.86 -2.42
C TYR E 32 -13.35 7.26 -1.18
N GLU E 33 -13.29 5.93 -1.04
CA GLU E 33 -13.86 5.27 0.13
C GLU E 33 -13.08 5.69 1.37
N LYS E 34 -11.75 5.66 1.27
CA LYS E 34 -10.88 6.05 2.37
C LYS E 34 -11.03 7.52 2.75
N LYS E 35 -11.33 8.34 1.76
CA LYS E 35 -11.52 9.78 1.96
C LYS E 35 -12.76 10.02 2.81
N GLY E 36 -13.71 9.11 2.74
CA GLY E 36 -14.94 9.26 3.52
C GLY E 36 -16.20 9.48 2.70
N PHE E 37 -16.07 9.52 1.38
CA PHE E 37 -17.26 9.72 0.55
C PHE E 37 -18.00 8.40 0.38
N VAL E 38 -19.33 8.47 0.34
CA VAL E 38 -20.16 7.29 0.19
C VAL E 38 -20.56 6.98 -1.25
N LEU E 39 -20.35 5.73 -1.67
CA LEU E 39 -20.68 5.29 -3.01
C LEU E 39 -22.19 5.10 -3.10
N VAL E 40 -22.87 5.91 -3.91
CA VAL E 40 -24.31 5.79 -4.03
C VAL E 40 -24.76 5.20 -5.36
N GLY E 41 -23.81 5.01 -6.27
CA GLY E 41 -24.10 4.45 -7.58
C GLY E 41 -22.83 3.85 -8.17
N LEU E 42 -22.96 2.71 -8.83
CA LEU E 42 -21.79 2.05 -9.42
C LEU E 42 -22.19 1.01 -10.44
N LYS E 43 -21.47 0.97 -11.55
CA LYS E 43 -21.74 0.00 -12.61
C LYS E 43 -20.73 0.14 -13.74
N GLN E 44 -20.45 -0.98 -14.40
CA GLN E 44 -19.55 -0.94 -15.54
C GLN E 44 -20.47 -1.05 -16.74
N LEU E 45 -20.15 -0.32 -17.81
CA LEU E 45 -20.96 -0.37 -19.02
C LEU E 45 -20.09 0.15 -20.15
N VAL E 46 -20.50 -0.12 -21.38
CA VAL E 46 -19.79 0.41 -22.52
C VAL E 46 -20.72 1.51 -23.00
N PRO E 47 -20.34 2.78 -22.76
CA PRO E 47 -21.14 3.93 -23.15
C PRO E 47 -21.53 3.94 -24.63
N THR E 48 -22.70 4.48 -24.90
CA THR E 48 -23.21 4.59 -26.26
C THR E 48 -22.84 5.97 -26.80
N LYS E 49 -22.85 6.11 -28.12
CA LYS E 49 -22.51 7.38 -28.75
C LYS E 49 -23.38 8.54 -28.26
N ASP E 50 -24.69 8.32 -28.18
CA ASP E 50 -25.59 9.39 -27.73
C ASP E 50 -25.35 9.81 -26.28
N LEU E 51 -25.05 8.86 -25.41
CA LEU E 51 -24.78 9.19 -24.02
C LEU E 51 -23.49 10.01 -23.97
N ALA E 52 -22.48 9.56 -24.71
CA ALA E 52 -21.19 10.23 -24.75
C ALA E 52 -21.26 11.68 -25.26
N GLU E 53 -22.02 11.89 -26.33
CA GLU E 53 -22.14 13.22 -26.91
C GLU E 53 -22.81 14.17 -25.95
N SER E 54 -23.81 13.68 -25.22
CA SER E 54 -24.51 14.52 -24.26
C SER E 54 -23.52 14.80 -23.11
N HIS E 55 -22.82 13.76 -22.67
CA HIS E 55 -21.84 13.92 -21.59
C HIS E 55 -20.84 15.03 -21.92
N TYR E 56 -20.30 15.00 -23.14
CA TYR E 56 -19.31 16.01 -23.56
C TYR E 56 -19.92 17.18 -24.34
N ALA E 57 -21.17 17.51 -24.06
CA ALA E 57 -21.87 18.58 -24.76
C ALA E 57 -21.12 19.91 -24.80
N GLU E 58 -20.44 20.25 -23.71
CA GLU E 58 -19.71 21.50 -23.63
C GLU E 58 -18.63 21.66 -24.70
N HIS E 59 -18.24 20.54 -25.31
CA HIS E 59 -17.20 20.53 -26.33
C HIS E 59 -17.69 20.25 -27.75
N LYS E 60 -19.02 20.15 -27.91
CA LYS E 60 -19.57 19.82 -29.21
C LYS E 60 -19.10 20.67 -30.38
N GLU E 61 -18.63 21.88 -30.08
CA GLU E 61 -18.16 22.78 -31.13
C GLU E 61 -16.65 22.73 -31.34
N ARG E 62 -15.95 21.90 -30.56
CA ARG E 62 -14.51 21.80 -30.65
C ARG E 62 -14.08 20.60 -31.51
N PRO E 63 -12.88 20.68 -32.10
CA PRO E 63 -12.34 19.62 -32.96
C PRO E 63 -12.00 18.31 -32.26
N PHE E 64 -11.79 18.36 -30.95
CA PHE E 64 -11.44 17.15 -30.20
C PHE E 64 -12.66 16.45 -29.62
N PHE E 65 -13.84 16.97 -29.94
CA PHE E 65 -15.10 16.40 -29.47
C PHE E 65 -15.27 14.99 -29.98
N GLY E 66 -15.13 14.81 -31.28
CA GLY E 66 -15.27 13.50 -31.89
C GLY E 66 -14.39 12.46 -31.23
N GLY E 67 -13.13 12.82 -30.99
CA GLY E 67 -12.20 11.88 -30.38
C GLY E 67 -12.61 11.50 -28.96
N LEU E 68 -13.01 12.48 -28.17
CA LEU E 68 -13.43 12.19 -26.79
C LEU E 68 -14.61 11.23 -26.81
N VAL E 69 -15.54 11.47 -27.73
CA VAL E 69 -16.73 10.62 -27.85
C VAL E 69 -16.31 9.22 -28.28
N SER E 70 -15.47 9.15 -29.30
CA SER E 70 -15.01 7.86 -29.79
C SER E 70 -14.32 7.03 -28.71
N PHE E 71 -13.42 7.68 -27.96
CA PHE E 71 -12.70 6.96 -26.93
C PHE E 71 -13.54 6.44 -25.76
N ILE E 72 -14.40 7.29 -25.19
CA ILE E 72 -15.19 6.85 -24.06
C ILE E 72 -16.15 5.73 -24.44
N THR E 73 -16.44 5.62 -25.74
CA THR E 73 -17.32 4.58 -26.23
C THR E 73 -16.57 3.39 -26.82
N SER E 74 -15.23 3.40 -26.72
CA SER E 74 -14.44 2.31 -27.31
C SER E 74 -14.30 1.06 -26.46
N GLY E 75 -14.61 1.16 -25.17
CA GLY E 75 -14.48 0.00 -24.32
C GLY E 75 -15.19 0.20 -23.00
N PRO E 76 -15.07 -0.75 -22.06
CA PRO E 76 -15.73 -0.65 -20.76
C PRO E 76 -15.36 0.58 -19.93
N VAL E 77 -16.37 1.14 -19.28
CA VAL E 77 -16.19 2.30 -18.42
C VAL E 77 -16.86 1.98 -17.09
N VAL E 78 -16.23 2.40 -15.99
CA VAL E 78 -16.83 2.17 -14.68
C VAL E 78 -17.35 3.51 -14.19
N ALA E 79 -18.67 3.65 -14.22
CA ALA E 79 -19.34 4.87 -13.80
C ALA E 79 -19.73 4.77 -12.34
N MET E 80 -19.58 5.87 -11.61
CA MET E 80 -19.93 5.87 -10.20
C MET E 80 -20.38 7.23 -9.71
N VAL E 81 -21.08 7.23 -8.59
CA VAL E 81 -21.56 8.45 -7.97
C VAL E 81 -21.17 8.40 -6.50
N PHE E 82 -20.49 9.44 -6.04
CA PHE E 82 -20.06 9.53 -4.64
C PHE E 82 -20.73 10.72 -3.96
N GLU E 83 -21.16 10.51 -2.71
CA GLU E 83 -21.85 11.54 -1.93
C GLU E 83 -21.06 12.00 -0.71
N GLY E 84 -21.14 13.29 -0.42
CA GLY E 84 -20.43 13.83 0.72
C GLY E 84 -20.25 15.33 0.63
N LYS E 85 -19.89 15.94 1.75
CA LYS E 85 -19.67 17.38 1.83
C LYS E 85 -18.62 17.81 0.82
N GLY E 86 -18.98 18.79 -0.01
CA GLY E 86 -18.06 19.31 -1.01
C GLY E 86 -17.38 18.26 -1.86
N VAL E 87 -18.08 17.16 -2.12
CA VAL E 87 -17.51 16.06 -2.90
C VAL E 87 -17.12 16.44 -4.34
N VAL E 88 -17.87 17.34 -4.96
CA VAL E 88 -17.56 17.72 -6.34
C VAL E 88 -16.15 18.31 -6.48
N ALA E 89 -15.86 19.36 -5.71
CA ALA E 89 -14.55 20.00 -5.77
C ALA E 89 -13.46 19.14 -5.15
N SER E 90 -13.80 18.40 -4.10
CA SER E 90 -12.85 17.53 -3.44
C SER E 90 -12.42 16.44 -4.42
N ALA E 91 -13.40 15.88 -5.12
CA ALA E 91 -13.12 14.82 -6.08
C ALA E 91 -12.17 15.27 -7.18
N ARG E 92 -12.34 16.49 -7.69
CA ARG E 92 -11.45 16.99 -8.73
C ARG E 92 -10.07 17.23 -8.19
N LEU E 93 -9.99 17.71 -6.95
CA LEU E 93 -8.70 17.96 -6.31
C LEU E 93 -7.96 16.64 -6.17
N MET E 94 -8.71 15.57 -5.90
CA MET E 94 -8.13 14.23 -5.75
C MET E 94 -7.70 13.67 -7.10
N ILE E 95 -8.30 14.18 -8.17
CA ILE E 95 -7.97 13.75 -9.53
C ILE E 95 -6.67 14.40 -10.01
N GLY E 96 -6.56 15.69 -9.74
CA GLY E 96 -5.39 16.46 -10.15
C GLY E 96 -5.83 17.53 -11.15
N VAL E 97 -5.06 17.72 -12.21
CA VAL E 97 -5.43 18.69 -13.24
C VAL E 97 -5.58 17.98 -14.59
N THR E 98 -6.05 18.71 -15.60
CA THR E 98 -6.25 18.13 -16.92
C THR E 98 -5.06 17.33 -17.43
N ASN E 99 -3.88 17.95 -17.38
CA ASN E 99 -2.67 17.30 -17.84
C ASN E 99 -2.03 16.50 -16.71
N PRO E 100 -2.05 15.17 -16.83
CA PRO E 100 -1.48 14.27 -15.82
C PRO E 100 -0.02 14.59 -15.49
N LEU E 101 0.71 15.08 -16.48
CA LEU E 101 2.12 15.40 -16.27
C LEU E 101 2.28 16.59 -15.33
N ALA E 102 1.28 17.48 -15.32
CA ALA E 102 1.32 18.64 -14.46
C ALA E 102 0.58 18.37 -13.15
N SER E 103 0.05 17.16 -13.01
CA SER E 103 -0.68 16.81 -11.80
C SER E 103 0.32 16.38 -10.73
N ALA E 104 0.15 16.93 -9.52
CA ALA E 104 1.04 16.64 -8.40
C ALA E 104 0.95 15.19 -7.91
N PRO E 105 2.07 14.66 -7.42
CA PRO E 105 2.09 13.27 -6.90
C PRO E 105 1.07 13.21 -5.77
N GLY E 106 0.36 12.10 -5.66
CA GLY E 106 -0.64 11.97 -4.62
C GLY E 106 -2.02 11.99 -5.22
N SER E 107 -2.15 12.69 -6.36
CA SER E 107 -3.42 12.77 -7.06
C SER E 107 -3.46 11.58 -8.00
N ILE E 108 -4.66 11.21 -8.46
CA ILE E 108 -4.79 10.06 -9.35
C ILE E 108 -3.99 10.22 -10.64
N ARG E 109 -4.24 11.32 -11.36
CA ARG E 109 -3.50 11.54 -12.61
C ARG E 109 -2.03 11.75 -12.34
N GLY E 110 -1.72 12.34 -11.19
CA GLY E 110 -0.35 12.59 -10.82
C GLY E 110 0.44 11.32 -10.63
N ASP E 111 -0.19 10.32 -10.01
CA ASP E 111 0.46 9.03 -9.77
C ASP E 111 0.39 8.03 -10.92
N PHE E 112 -0.62 8.14 -11.79
CA PHE E 112 -0.76 7.13 -12.85
C PHE E 112 -0.87 7.58 -14.31
N GLY E 113 -1.04 8.87 -14.56
CA GLY E 113 -1.19 9.34 -15.93
C GLY E 113 0.01 10.04 -16.53
N VAL E 114 0.11 10.00 -17.86
CA VAL E 114 1.24 10.63 -18.55
C VAL E 114 0.81 11.33 -19.84
N ASP E 115 -0.48 11.37 -20.12
CA ASP E 115 -0.97 12.01 -21.34
C ASP E 115 -2.39 12.55 -21.17
N VAL E 116 -2.61 13.78 -21.63
CA VAL E 116 -3.91 14.41 -21.52
C VAL E 116 -5.01 13.61 -22.23
N GLY E 117 -4.65 12.96 -23.34
CA GLY E 117 -5.63 12.18 -24.09
C GLY E 117 -6.00 10.86 -23.42
N ARG E 118 -5.21 10.45 -22.45
CA ARG E 118 -5.46 9.21 -21.72
C ARG E 118 -5.29 9.58 -20.25
N ASN E 119 -6.16 10.45 -19.75
CA ASN E 119 -6.04 10.87 -18.36
C ASN E 119 -6.86 10.11 -17.33
N ILE E 120 -7.12 8.83 -17.64
CA ILE E 120 -7.75 7.90 -16.71
C ILE E 120 -9.17 8.06 -16.17
N ILE E 121 -9.54 9.25 -15.71
CA ILE E 121 -10.85 9.42 -15.10
C ILE E 121 -11.51 10.76 -15.37
N HIS E 122 -12.83 10.80 -15.20
CA HIS E 122 -13.61 12.02 -15.36
C HIS E 122 -14.31 12.32 -14.05
N GLY E 123 -14.45 13.61 -13.74
CA GLY E 123 -15.13 14.03 -12.53
C GLY E 123 -15.91 15.31 -12.82
N SER E 124 -17.14 15.41 -12.32
CA SER E 124 -17.95 16.61 -12.55
C SER E 124 -17.16 17.84 -12.14
N ASP E 125 -17.26 18.90 -12.93
CA ASP E 125 -16.53 20.12 -12.61
C ASP E 125 -17.34 21.09 -11.76
N SER E 126 -18.60 20.76 -11.50
CA SER E 126 -19.45 21.62 -10.68
C SER E 126 -20.71 20.87 -10.26
N VAL E 127 -21.42 21.43 -9.28
CA VAL E 127 -22.65 20.81 -8.80
C VAL E 127 -23.68 20.76 -9.93
N GLU E 128 -23.71 21.80 -10.76
CA GLU E 128 -24.64 21.85 -11.87
C GLU E 128 -24.33 20.71 -12.84
N SER E 129 -23.05 20.58 -13.19
CA SER E 129 -22.63 19.53 -14.10
C SER E 129 -22.87 18.16 -13.46
N ALA E 130 -22.57 18.05 -12.16
CA ALA E 130 -22.74 16.80 -11.44
C ALA E 130 -24.17 16.29 -11.55
N ASN E 131 -25.14 17.13 -11.16
CA ASN E 131 -26.54 16.72 -11.23
C ASN E 131 -26.93 16.33 -12.66
N ARG E 132 -26.39 17.07 -13.63
CA ARG E 132 -26.68 16.80 -15.03
C ARG E 132 -26.11 15.46 -15.49
N GLU E 133 -24.86 15.20 -15.12
CA GLU E 133 -24.20 13.96 -15.49
C GLU E 133 -24.79 12.74 -14.78
N ILE E 134 -25.06 12.87 -13.49
CA ILE E 134 -25.62 11.75 -12.74
C ILE E 134 -26.94 11.31 -13.38
N ALA E 135 -27.76 12.28 -13.79
CA ALA E 135 -29.04 11.98 -14.40
C ALA E 135 -28.88 11.33 -15.78
N LEU E 136 -27.77 11.64 -16.45
CA LEU E 136 -27.48 11.09 -17.77
C LEU E 136 -27.05 9.62 -17.71
N TRP E 137 -26.11 9.32 -16.81
CA TRP E 137 -25.58 7.97 -16.68
C TRP E 137 -26.32 6.98 -15.80
N PHE E 138 -27.03 7.47 -14.77
CA PHE E 138 -27.73 6.58 -13.85
C PHE E 138 -29.24 6.77 -13.77
N LYS E 139 -29.96 5.65 -13.70
CA LYS E 139 -31.40 5.70 -13.55
C LYS E 139 -31.61 5.95 -12.06
N PRO E 140 -32.74 6.55 -11.67
CA PRO E 140 -32.96 6.79 -10.24
C PRO E 140 -32.88 5.52 -9.40
N GLU E 141 -33.34 4.40 -9.95
CA GLU E 141 -33.33 3.12 -9.24
C GLU E 141 -31.93 2.66 -8.89
N GLU E 142 -30.95 3.09 -9.67
CA GLU E 142 -29.57 2.67 -9.47
C GLU E 142 -28.81 3.52 -8.45
N LEU E 143 -29.51 4.43 -7.78
CA LEU E 143 -28.89 5.30 -6.79
C LEU E 143 -29.50 5.10 -5.40
N LEU E 144 -28.64 4.98 -4.39
CA LEU E 144 -29.12 4.79 -3.03
C LEU E 144 -29.90 6.02 -2.57
N THR E 145 -30.91 5.78 -1.73
CA THR E 145 -31.71 6.87 -1.19
C THR E 145 -31.41 6.90 0.30
N GLU E 146 -30.91 5.77 0.81
CA GLU E 146 -30.55 5.63 2.21
C GLU E 146 -29.03 5.71 2.35
N VAL E 147 -28.55 6.87 2.81
CA VAL E 147 -27.12 7.07 2.97
C VAL E 147 -26.66 6.87 4.42
N LYS E 148 -27.22 7.67 5.33
CA LYS E 148 -26.87 7.59 6.75
C LYS E 148 -25.44 8.11 6.99
N PRO E 149 -25.33 9.36 7.46
CA PRO E 149 -24.02 9.98 7.73
C PRO E 149 -23.27 9.33 8.90
N ASN E 150 -21.98 9.09 8.68
CA ASN E 150 -21.12 8.49 9.68
C ASN E 150 -20.71 9.55 10.71
N PRO E 151 -21.03 9.32 11.99
CA PRO E 151 -20.67 10.27 13.05
C PRO E 151 -19.18 10.56 13.17
N ASN E 152 -18.34 9.66 12.65
CA ASN E 152 -16.89 9.86 12.73
C ASN E 152 -16.42 10.77 11.60
N LEU E 153 -17.22 10.89 10.54
CA LEU E 153 -16.87 11.72 9.41
C LEU E 153 -17.37 13.15 9.52
N TYR E 154 -18.59 13.31 10.03
CA TYR E 154 -19.19 14.63 10.14
C TYR E 154 -19.53 15.11 11.55
N GLU E 155 -19.43 16.42 11.74
CA GLU E 155 -19.72 17.05 13.00
C GLU E 155 -21.24 17.22 13.16
N VAL F 6 18.30 22.10 14.84
CA VAL F 6 18.91 20.85 15.35
C VAL F 6 18.03 19.66 14.98
N ASN F 7 18.64 18.48 14.90
CA ASN F 7 17.92 17.25 14.56
C ASN F 7 17.19 16.65 15.75
N LYS F 8 17.15 17.37 16.86
CA LYS F 8 16.46 16.86 18.04
C LYS F 8 15.13 17.55 18.31
N GLU F 9 14.71 18.40 17.39
CA GLU F 9 13.43 19.10 17.54
C GLU F 9 12.33 18.05 17.71
N ARG F 10 11.28 18.39 18.46
CA ARG F 10 10.17 17.48 18.71
C ARG F 10 8.82 18.17 18.55
N THR F 11 7.78 17.41 18.21
CA THR F 11 6.45 17.96 18.05
C THR F 11 5.42 16.99 18.63
N PHE F 12 4.28 17.52 19.08
CA PHE F 12 3.23 16.67 19.63
C PHE F 12 2.17 16.39 18.58
N LEU F 13 1.82 15.13 18.41
CA LEU F 13 0.80 14.75 17.43
C LEU F 13 -0.25 13.91 18.15
N ALA F 14 -1.52 14.16 17.84
CA ALA F 14 -2.59 13.41 18.47
C ALA F 14 -3.62 12.93 17.46
N VAL F 15 -3.83 11.62 17.41
CA VAL F 15 -4.84 11.08 16.53
C VAL F 15 -6.10 11.23 17.38
N LYS F 16 -6.92 12.21 17.01
CA LYS F 16 -8.15 12.50 17.74
C LYS F 16 -9.17 11.37 17.66
N PRO F 17 -10.18 11.39 18.55
CA PRO F 17 -11.23 10.36 18.58
C PRO F 17 -11.75 9.86 17.25
N ASP F 18 -11.93 10.75 16.28
CA ASP F 18 -12.44 10.33 14.97
C ASP F 18 -11.39 9.49 14.23
N GLY F 19 -10.13 9.89 14.32
CA GLY F 19 -9.07 9.13 13.67
C GLY F 19 -8.94 7.73 14.25
N VAL F 20 -8.97 7.65 15.57
CA VAL F 20 -8.87 6.35 16.24
C VAL F 20 -10.05 5.46 15.91
N ALA F 21 -11.25 6.04 15.96
CA ALA F 21 -12.47 5.29 15.67
C ALA F 21 -12.50 4.76 14.23
N ARG F 22 -11.92 5.50 13.30
CA ARG F 22 -11.91 5.08 11.90
C ARG F 22 -10.71 4.18 11.56
N GLY F 23 -9.99 3.73 12.60
CA GLY F 23 -8.85 2.86 12.40
C GLY F 23 -7.69 3.42 11.59
N LEU F 24 -7.31 4.66 11.86
CA LEU F 24 -6.22 5.32 11.12
C LEU F 24 -4.94 5.49 11.93
N VAL F 25 -4.86 4.89 13.11
CA VAL F 25 -3.68 5.02 13.97
C VAL F 25 -2.39 4.51 13.32
N GLY F 26 -2.39 3.25 12.88
CA GLY F 26 -1.21 2.68 12.25
C GLY F 26 -0.79 3.40 10.97
N GLU F 27 -1.77 3.75 10.16
CA GLU F 27 -1.56 4.47 8.90
C GLU F 27 -0.82 5.78 9.16
N ILE F 28 -1.26 6.52 10.17
CA ILE F 28 -0.63 7.79 10.52
C ILE F 28 0.77 7.60 11.11
N ILE F 29 0.91 6.66 12.04
CA ILE F 29 2.21 6.37 12.66
C ILE F 29 3.24 6.01 11.59
N ALA F 30 2.82 5.14 10.67
CA ALA F 30 3.67 4.66 9.60
C ALA F 30 4.14 5.80 8.70
N ARG F 31 3.27 6.77 8.46
CA ARG F 31 3.65 7.89 7.60
C ARG F 31 4.82 8.65 8.20
N TYR F 32 4.77 8.88 9.51
CA TYR F 32 5.84 9.59 10.19
C TYR F 32 7.09 8.74 10.31
N GLU F 33 6.91 7.41 10.43
CA GLU F 33 8.04 6.50 10.52
C GLU F 33 8.78 6.45 9.18
N LYS F 34 8.02 6.34 8.09
CA LYS F 34 8.62 6.29 6.75
C LYS F 34 9.38 7.57 6.43
N LYS F 35 8.88 8.68 6.98
CA LYS F 35 9.46 9.99 6.77
C LYS F 35 10.87 10.11 7.38
N GLY F 36 11.10 9.34 8.45
CA GLY F 36 12.40 9.37 9.10
C GLY F 36 12.35 9.96 10.51
N PHE F 37 11.17 10.36 10.94
CA PHE F 37 11.04 10.92 12.28
C PHE F 37 10.98 9.79 13.28
N VAL F 38 11.57 10.00 14.45
CA VAL F 38 11.62 8.98 15.49
C VAL F 38 10.57 9.14 16.59
N LEU F 39 9.87 8.06 16.89
CA LEU F 39 8.84 8.05 17.92
C LEU F 39 9.54 8.07 19.29
N VAL F 40 9.35 9.14 20.05
CA VAL F 40 9.97 9.23 21.37
C VAL F 40 8.92 9.20 22.49
N GLY F 41 7.65 9.14 22.10
CA GLY F 41 6.58 9.09 23.07
C GLY F 41 5.31 8.55 22.43
N LEU F 42 4.62 7.64 23.11
CA LEU F 42 3.39 7.08 22.56
C LEU F 42 2.50 6.44 23.62
N LYS F 43 1.20 6.63 23.48
CA LYS F 43 0.24 6.04 24.40
C LYS F 43 -1.18 6.41 24.01
N GLN F 44 -2.14 5.56 24.36
CA GLN F 44 -3.54 5.83 24.08
C GLN F 44 -4.18 6.19 25.42
N LEU F 45 -5.09 7.15 25.40
CA LEU F 45 -5.77 7.56 26.62
C LEU F 45 -7.05 8.30 26.25
N VAL F 46 -7.92 8.45 27.24
CA VAL F 46 -9.15 9.20 27.06
C VAL F 46 -8.83 10.47 27.83
N PRO F 47 -8.57 11.58 27.10
CA PRO F 47 -8.26 12.87 27.71
C PRO F 47 -9.30 13.35 28.71
N THR F 48 -8.83 13.90 29.83
CA THR F 48 -9.72 14.44 30.85
C THR F 48 -10.10 15.83 30.36
N LYS F 49 -11.13 16.42 30.95
CA LYS F 49 -11.55 17.75 30.55
C LYS F 49 -10.45 18.77 30.89
N ASP F 50 -9.77 18.56 32.01
CA ASP F 50 -8.68 19.45 32.43
C ASP F 50 -7.59 19.50 31.36
N LEU F 51 -7.15 18.33 30.92
CA LEU F 51 -6.12 18.24 29.88
C LEU F 51 -6.57 18.91 28.58
N ALA F 52 -7.80 18.63 28.19
CA ALA F 52 -8.37 19.19 26.97
C ALA F 52 -8.40 20.72 26.98
N GLU F 53 -8.82 21.30 28.09
CA GLU F 53 -8.91 22.75 28.20
C GLU F 53 -7.52 23.39 28.21
N SER F 54 -6.55 22.70 28.79
CA SER F 54 -5.19 23.21 28.82
C SER F 54 -4.59 23.12 27.42
N HIS F 55 -4.92 22.06 26.70
CA HIS F 55 -4.44 21.84 25.34
C HIS F 55 -4.95 22.95 24.43
N TYR F 56 -6.25 23.24 24.55
CA TYR F 56 -6.90 24.26 23.73
C TYR F 56 -6.99 25.63 24.41
N ALA F 57 -6.11 25.88 25.38
CA ALA F 57 -6.13 27.13 26.14
C ALA F 57 -6.20 28.41 25.29
N GLU F 58 -5.52 28.42 24.16
CA GLU F 58 -5.52 29.61 23.31
C GLU F 58 -6.90 30.04 22.80
N HIS F 59 -7.89 29.15 22.89
CA HIS F 59 -9.23 29.46 22.40
C HIS F 59 -10.30 29.51 23.50
N LYS F 60 -9.89 29.46 24.76
CA LYS F 60 -10.84 29.45 25.88
C LYS F 60 -11.96 30.49 25.80
N GLU F 61 -11.67 31.67 25.28
CA GLU F 61 -12.68 32.73 25.18
C GLU F 61 -13.36 32.79 23.82
N ARG F 62 -13.15 31.77 22.99
CA ARG F 62 -13.79 31.74 21.68
C ARG F 62 -14.98 30.77 21.67
N PRO F 63 -16.00 31.07 20.85
CA PRO F 63 -17.22 30.28 20.70
C PRO F 63 -17.06 28.77 20.53
N PHE F 64 -16.08 28.36 19.73
CA PHE F 64 -15.87 26.95 19.45
C PHE F 64 -15.06 26.16 20.47
N PHE F 65 -14.63 26.82 21.54
CA PHE F 65 -13.85 26.17 22.60
C PHE F 65 -14.54 24.92 23.16
N GLY F 66 -15.76 25.09 23.65
CA GLY F 66 -16.50 23.99 24.22
C GLY F 66 -16.59 22.78 23.29
N GLY F 67 -16.85 23.04 22.02
CA GLY F 67 -16.96 21.96 21.06
C GLY F 67 -15.68 21.16 20.93
N LEU F 68 -14.55 21.85 20.79
CA LEU F 68 -13.26 21.17 20.68
C LEU F 68 -12.97 20.34 21.92
N VAL F 69 -13.30 20.90 23.09
CA VAL F 69 -13.07 20.22 24.36
C VAL F 69 -13.92 18.96 24.48
N SER F 70 -15.20 19.07 24.16
CA SER F 70 -16.10 17.93 24.24
C SER F 70 -15.69 16.81 23.29
N PHE F 71 -15.30 17.16 22.08
CA PHE F 71 -14.94 16.12 21.14
C PHE F 71 -13.64 15.38 21.46
N ILE F 72 -12.60 16.10 21.87
CA ILE F 72 -11.34 15.43 22.15
C ILE F 72 -11.41 14.56 23.40
N THR F 73 -12.46 14.73 24.20
CA THR F 73 -12.63 13.92 25.40
C THR F 73 -13.72 12.88 25.20
N SER F 74 -14.28 12.83 24.00
CA SER F 74 -15.38 11.91 23.68
C SER F 74 -14.97 10.43 23.54
N GLY F 75 -13.69 10.18 23.31
CA GLY F 75 -13.25 8.80 23.15
C GLY F 75 -11.74 8.67 23.23
N PRO F 76 -11.20 7.47 22.97
CA PRO F 76 -9.75 7.26 23.02
C PRO F 76 -8.99 8.12 22.03
N VAL F 77 -7.81 8.54 22.44
CA VAL F 77 -6.94 9.37 21.62
C VAL F 77 -5.55 8.74 21.67
N VAL F 78 -4.83 8.78 20.57
CA VAL F 78 -3.48 8.24 20.54
C VAL F 78 -2.52 9.42 20.49
N ALA F 79 -1.91 9.70 21.63
CA ALA F 79 -0.98 10.81 21.75
C ALA F 79 0.43 10.35 21.40
N MET F 80 1.20 11.19 20.72
CA MET F 80 2.55 10.81 20.37
C MET F 80 3.48 12.01 20.20
N VAL F 81 4.77 11.74 20.28
CA VAL F 81 5.78 12.77 20.14
C VAL F 81 6.82 12.25 19.17
N PHE F 82 7.04 12.98 18.07
CA PHE F 82 8.04 12.61 17.08
C PHE F 82 9.20 13.58 17.13
N GLU F 83 10.40 13.08 16.86
CA GLU F 83 11.61 13.88 16.89
C GLU F 83 12.37 13.83 15.57
N GLY F 84 12.93 14.98 15.18
CA GLY F 84 13.69 15.05 13.95
C GLY F 84 13.82 16.49 13.47
N LYS F 85 14.73 16.71 12.53
CA LYS F 85 14.95 18.05 11.99
C LYS F 85 13.65 18.67 11.48
N GLY F 86 13.38 19.90 11.90
CA GLY F 86 12.19 20.62 11.48
C GLY F 86 10.91 19.81 11.49
N VAL F 87 10.81 18.90 12.44
CA VAL F 87 9.65 18.03 12.55
C VAL F 87 8.34 18.78 12.75
N VAL F 88 8.37 19.87 13.52
CA VAL F 88 7.15 20.63 13.77
C VAL F 88 6.51 21.09 12.46
N ALA F 89 7.25 21.89 11.70
CA ALA F 89 6.75 22.39 10.43
C ALA F 89 6.43 21.26 9.49
N SER F 90 7.31 20.26 9.44
CA SER F 90 7.13 19.11 8.56
C SER F 90 5.86 18.31 8.83
N ALA F 91 5.61 18.02 10.11
CA ALA F 91 4.43 17.27 10.49
C ALA F 91 3.16 17.98 10.04
N ARG F 92 3.16 19.30 10.10
CA ARG F 92 1.98 20.05 9.69
C ARG F 92 1.80 19.99 8.17
N LEU F 93 2.90 19.94 7.44
CA LEU F 93 2.83 19.85 5.98
C LEU F 93 2.23 18.48 5.63
N MET F 94 2.60 17.47 6.40
CA MET F 94 2.12 16.11 6.17
C MET F 94 0.65 15.95 6.55
N ILE F 95 0.16 16.84 7.42
CA ILE F 95 -1.23 16.83 7.86
C ILE F 95 -2.15 17.41 6.80
N GLY F 96 -1.72 18.53 6.20
CA GLY F 96 -2.51 19.21 5.19
C GLY F 96 -2.87 20.58 5.74
N VAL F 97 -4.13 20.97 5.61
CA VAL F 97 -4.60 22.26 6.13
C VAL F 97 -5.79 22.00 7.05
N THR F 98 -6.23 23.03 7.78
CA THR F 98 -7.35 22.86 8.71
C THR F 98 -8.54 22.16 8.08
N ASN F 99 -8.91 22.59 6.87
CA ASN F 99 -10.04 22.02 6.15
C ASN F 99 -9.57 20.81 5.32
N PRO F 100 -9.98 19.59 5.71
CA PRO F 100 -9.57 18.41 4.96
C PRO F 100 -9.99 18.44 3.48
N LEU F 101 -11.12 19.09 3.19
CA LEU F 101 -11.60 19.18 1.80
C LEU F 101 -10.67 20.01 0.92
N ALA F 102 -9.90 20.90 1.54
CA ALA F 102 -8.96 21.75 0.81
C ALA F 102 -7.53 21.21 0.91
N SER F 103 -7.37 20.13 1.65
CA SER F 103 -6.05 19.51 1.82
C SER F 103 -5.71 18.70 0.57
N ALA F 104 -4.48 18.82 0.09
CA ALA F 104 -4.04 18.12 -1.11
C ALA F 104 -3.93 16.61 -0.97
N PRO F 105 -4.20 15.87 -2.07
CA PRO F 105 -4.09 14.41 -2.00
C PRO F 105 -2.65 14.16 -1.61
N GLY F 106 -2.41 13.17 -0.76
CA GLY F 106 -1.06 12.89 -0.32
C GLY F 106 -0.90 13.20 1.15
N SER F 107 -1.61 14.21 1.63
CA SER F 107 -1.55 14.59 3.04
C SER F 107 -2.57 13.73 3.79
N ILE F 108 -2.45 13.68 5.11
CA ILE F 108 -3.36 12.88 5.94
C ILE F 108 -4.82 13.32 5.79
N ARG F 109 -5.09 14.58 6.05
CA ARG F 109 -6.46 15.10 5.94
C ARG F 109 -6.89 15.08 4.47
N GLY F 110 -5.94 15.31 3.57
CA GLY F 110 -6.25 15.30 2.15
C GLY F 110 -6.74 13.95 1.70
N ASP F 111 -6.11 12.89 2.20
CA ASP F 111 -6.49 11.53 1.82
C ASP F 111 -7.63 10.91 2.63
N PHE F 112 -7.83 11.38 3.87
CA PHE F 112 -8.83 10.77 4.75
C PHE F 112 -9.98 11.60 5.34
N GLY F 113 -9.92 12.92 5.27
CA GLY F 113 -10.97 13.72 5.88
C GLY F 113 -11.89 14.52 4.97
N VAL F 114 -13.08 14.80 5.46
CA VAL F 114 -14.06 15.58 4.69
C VAL F 114 -14.73 16.68 5.52
N ASP F 115 -14.37 16.79 6.79
CA ASP F 115 -14.98 17.80 7.65
C ASP F 115 -14.00 18.43 8.63
N VAL F 116 -13.95 19.76 8.64
CA VAL F 116 -13.06 20.47 9.56
C VAL F 116 -13.34 20.06 11.01
N GLY F 117 -14.59 19.73 11.30
CA GLY F 117 -14.98 19.33 12.65
C GLY F 117 -14.50 17.92 13.04
N ARG F 118 -14.09 17.16 12.03
CA ARG F 118 -13.59 15.81 12.22
C ARG F 118 -12.36 15.73 11.33
N ASN F 119 -11.33 16.49 11.66
CA ASN F 119 -10.13 16.51 10.84
C ASN F 119 -9.00 15.57 11.27
N ILE F 120 -9.40 14.42 11.81
CA ILE F 120 -8.49 13.34 12.17
C ILE F 120 -7.34 13.50 13.16
N ILE F 121 -6.52 14.52 12.97
CA ILE F 121 -5.33 14.68 13.79
C ILE F 121 -4.96 16.11 14.15
N HIS F 122 -4.14 16.23 15.19
CA HIS F 122 -3.65 17.51 15.66
C HIS F 122 -2.13 17.47 15.68
N GLY F 123 -1.51 18.54 15.22
CA GLY F 123 -0.06 18.65 15.23
C GLY F 123 0.28 20.02 15.76
N SER F 124 1.33 20.12 16.57
CA SER F 124 1.74 21.42 17.13
C SER F 124 1.98 22.40 16.00
N ASP F 125 1.67 23.68 16.22
CA ASP F 125 1.84 24.68 15.17
C ASP F 125 3.18 25.42 15.21
N SER F 126 3.96 25.20 16.27
CA SER F 126 5.26 25.86 16.42
C SER F 126 6.10 25.08 17.42
N VAL F 127 7.38 25.40 17.49
CA VAL F 127 8.28 24.75 18.43
C VAL F 127 7.88 25.09 19.85
N GLU F 128 7.49 26.33 20.09
CA GLU F 128 7.08 26.75 21.42
C GLU F 128 5.87 25.96 21.89
N SER F 129 4.86 25.88 21.03
CA SER F 129 3.64 25.15 21.38
C SER F 129 3.87 23.65 21.49
N ALA F 130 4.81 23.12 20.70
CA ALA F 130 5.12 21.71 20.75
C ALA F 130 5.64 21.40 22.16
N ASN F 131 6.63 22.19 22.61
CA ASN F 131 7.19 21.98 23.92
C ASN F 131 6.12 22.09 25.02
N ARG F 132 5.17 23.01 24.84
CA ARG F 132 4.10 23.19 25.81
C ARG F 132 3.23 21.93 25.84
N GLU F 133 2.76 21.54 24.66
CA GLU F 133 1.91 20.36 24.52
C GLU F 133 2.62 19.09 25.00
N ILE F 134 3.89 18.91 24.62
CA ILE F 134 4.63 17.73 25.05
C ILE F 134 4.55 17.57 26.57
N ALA F 135 4.93 18.63 27.28
CA ALA F 135 4.93 18.62 28.74
C ALA F 135 3.52 18.43 29.31
N LEU F 136 2.53 18.82 28.53
CA LEU F 136 1.14 18.73 28.95
C LEU F 136 0.61 17.31 28.87
N TRP F 137 0.87 16.65 27.74
CA TRP F 137 0.38 15.29 27.52
C TRP F 137 1.27 14.17 28.03
N PHE F 138 2.58 14.40 28.12
CA PHE F 138 3.49 13.37 28.60
C PHE F 138 4.31 13.76 29.83
N LYS F 139 4.68 12.75 30.61
CA LYS F 139 5.52 12.95 31.79
C LYS F 139 6.92 12.70 31.26
N PRO F 140 7.94 13.35 31.84
CA PRO F 140 9.30 13.12 31.35
C PRO F 140 9.68 11.65 31.20
N GLU F 141 9.30 10.83 32.17
CA GLU F 141 9.62 9.40 32.15
C GLU F 141 9.07 8.66 30.92
N GLU F 142 8.02 9.20 30.31
CA GLU F 142 7.40 8.55 29.16
C GLU F 142 8.06 8.90 27.84
N LEU F 143 9.11 9.72 27.88
CA LEU F 143 9.79 10.13 26.67
C LEU F 143 11.22 9.58 26.61
N LEU F 144 11.64 9.15 25.43
CA LEU F 144 12.98 8.63 25.25
C LEU F 144 13.92 9.80 25.46
N THR F 145 15.09 9.54 26.04
CA THR F 145 16.05 10.61 26.27
C THR F 145 17.01 10.74 25.09
N GLU F 146 17.90 9.76 24.94
CA GLU F 146 18.84 9.77 23.83
C GLU F 146 18.24 9.02 22.65
N VAL F 147 18.64 9.42 21.44
CA VAL F 147 18.12 8.79 20.23
C VAL F 147 19.23 8.39 19.26
N LYS F 148 20.23 9.25 19.13
CA LYS F 148 21.36 9.01 18.22
C LYS F 148 20.85 9.08 16.78
N PRO F 149 21.35 10.05 16.01
CA PRO F 149 20.97 10.24 14.61
C PRO F 149 21.26 9.05 13.69
N ASN F 150 20.26 8.63 12.95
CA ASN F 150 20.42 7.53 12.01
C ASN F 150 21.31 8.06 10.88
N PRO F 151 22.47 7.42 10.66
CA PRO F 151 23.37 7.88 9.60
C PRO F 151 22.73 7.95 8.20
N ASN F 152 21.66 7.19 8.00
CA ASN F 152 20.97 7.19 6.72
C ASN F 152 20.01 8.37 6.56
N LEU F 153 19.58 8.93 7.69
CA LEU F 153 18.64 10.06 7.66
C LEU F 153 19.31 11.42 7.70
N TYR F 154 20.41 11.53 8.44
CA TYR F 154 21.09 12.81 8.58
C TYR F 154 22.58 12.81 8.24
N GLU F 155 23.06 13.96 7.79
CA GLU F 155 24.47 14.14 7.47
C GLU F 155 25.26 14.02 8.77
#